data_7OW2
#
_entry.id   7OW2
#
_cell.length_a   108.119
_cell.length_b   108.119
_cell.length_c   137.142
_cell.angle_alpha   90.000
_cell.angle_beta   90.000
_cell.angle_gamma   120.000
#
_symmetry.space_group_name_H-M   'P 61'
#
loop_
_entity.id
_entity.type
_entity.pdbx_description
1 polymer 'E3 ubiquitin-protein ligase TRIM7'
2 polymer 'E3 ubiquitin-protein ligase RNF187 peptide'
3 non-polymer 'CHLORIDE ION'
4 non-polymer 'PHOSPHATE ION'
5 water water
#
loop_
_entity_poly.entity_id
_entity_poly.type
_entity_poly.pdbx_seq_one_letter_code
_entity_poly.pdbx_strand_id
1 'polypeptide(L)'
;MVELTLDPDTANPRLILSLDLKGVRLGERAQDLPNHPCRFDTNTRVLASCGFSSGRHHWEVEVGSKDGWAFGVARESVRR
KGLTPFTPEEGVWALQLNGGQYWAVTSPERSPLSCGHLSRVRVALDLEVGAVSFYAVEDMRHLYTFRVNFQERVFPLFSV
CSTGTYLRIWP
;
A,B,C,D
2 'polypeptide(L)' GLSMLLQ E,F,G,H
#
# COMPACT_ATOMS: atom_id res chain seq x y z
N MET A 1 22.95 -30.86 1.81
CA MET A 1 23.01 -29.83 2.90
C MET A 1 23.69 -28.56 2.35
N VAL A 2 22.97 -27.43 2.32
CA VAL A 2 23.48 -26.11 1.87
C VAL A 2 23.95 -25.30 3.08
N GLU A 3 25.11 -24.62 2.96
CA GLU A 3 25.67 -23.68 3.98
C GLU A 3 25.11 -22.27 3.70
N LEU A 4 23.96 -21.93 4.30
CA LEU A 4 23.27 -20.61 4.13
C LEU A 4 23.88 -19.60 5.09
N THR A 5 23.83 -18.33 4.71
CA THR A 5 24.12 -17.17 5.59
C THR A 5 22.95 -16.16 5.49
N LEU A 6 22.62 -15.52 6.61
CA LEU A 6 21.58 -14.45 6.62
C LEU A 6 22.07 -13.23 5.83
N ASP A 7 21.17 -12.61 5.09
CA ASP A 7 21.43 -11.43 4.20
C ASP A 7 21.09 -10.18 4.98
N PRO A 8 22.10 -9.43 5.49
CA PRO A 8 21.81 -8.26 6.32
C PRO A 8 21.11 -7.14 5.54
N ASP A 9 21.21 -7.13 4.22
CA ASP A 9 20.46 -6.15 3.37
C ASP A 9 18.94 -6.35 3.49
N THR A 10 18.48 -7.55 3.80
CA THR A 10 17.02 -7.84 3.81
C THR A 10 16.51 -7.58 5.22
N ALA A 11 17.40 -7.62 6.21
CA ALA A 11 17.03 -7.72 7.64
C ALA A 11 16.26 -6.46 8.07
N ASN A 12 15.10 -6.63 8.69
CA ASN A 12 14.43 -5.58 9.47
C ASN A 12 15.43 -4.94 10.42
N PRO A 13 15.50 -3.59 10.50
CA PRO A 13 16.53 -2.91 11.29
C PRO A 13 16.49 -3.12 12.82
N ARG A 14 15.43 -3.71 13.37
CA ARG A 14 15.34 -4.06 14.82
C ARG A 14 16.02 -5.41 15.04
N LEU A 15 16.26 -6.19 14.00
CA LEU A 15 16.85 -7.54 14.18
C LEU A 15 18.34 -7.39 14.48
N ILE A 16 18.87 -8.29 15.31
CA ILE A 16 20.33 -8.34 15.63
C ILE A 16 20.86 -9.64 15.02
N LEU A 17 21.70 -9.54 13.99
CA LEU A 17 22.32 -10.74 13.38
C LEU A 17 23.68 -11.02 14.03
N SER A 18 24.00 -12.31 14.21
CA SER A 18 25.31 -12.80 14.67
C SER A 18 26.36 -12.51 13.59
N LEU A 19 27.64 -12.46 13.96
CA LEU A 19 28.76 -12.03 13.08
C LEU A 19 28.99 -13.03 11.94
N ASP A 20 28.78 -14.32 12.19
CA ASP A 20 28.92 -15.39 11.17
C ASP A 20 27.65 -15.48 10.33
N LEU A 21 26.66 -14.61 10.60
CA LEU A 21 25.39 -14.48 9.84
C LEU A 21 24.61 -15.79 9.88
N LYS A 22 24.67 -16.50 11.00
CA LYS A 22 23.89 -17.76 11.20
C LYS A 22 22.66 -17.44 12.07
N GLY A 23 22.83 -16.56 13.04
CA GLY A 23 21.87 -16.40 14.14
C GLY A 23 21.11 -15.11 14.03
N VAL A 24 19.93 -15.07 14.66
CA VAL A 24 19.08 -13.86 14.67
C VAL A 24 18.24 -13.81 15.95
N ARG A 25 18.15 -12.61 16.52
CA ARG A 25 17.17 -12.29 17.58
C ARG A 25 16.64 -10.89 17.33
N LEU A 26 15.68 -10.48 18.15
CA LEU A 26 15.05 -9.14 18.04
C LEU A 26 15.73 -8.23 19.06
N GLY A 27 16.10 -7.02 18.64
CA GLY A 27 16.68 -5.95 19.46
C GLY A 27 15.60 -5.02 19.97
N GLU A 28 15.96 -4.15 20.91
CA GLU A 28 15.00 -3.27 21.61
C GLU A 28 14.69 -2.06 20.70
N ARG A 29 15.61 -1.70 19.82
CA ARG A 29 15.49 -0.47 18.99
C ARG A 29 16.00 -0.71 17.56
N ALA A 30 15.49 0.11 16.64
CA ALA A 30 15.84 0.05 15.21
C ALA A 30 17.23 0.63 15.01
N GLN A 31 18.09 -0.09 14.29
CA GLN A 31 19.35 0.46 13.76
C GLN A 31 19.03 1.38 12.58
N ASP A 32 19.95 2.30 12.26
CA ASP A 32 19.89 3.17 11.06
C ASP A 32 20.75 2.50 9.98
N LEU A 33 20.11 1.92 8.98
CA LEU A 33 20.83 1.15 7.92
C LEU A 33 20.45 1.74 6.57
N PRO A 34 21.19 1.44 5.49
CA PRO A 34 20.73 1.82 4.14
C PRO A 34 19.36 1.19 3.88
N ASN A 35 18.41 1.97 3.34
CA ASN A 35 17.02 1.52 3.05
C ASN A 35 16.98 0.88 1.66
N HIS A 36 17.65 -0.26 1.48
CA HIS A 36 17.58 -1.05 0.24
C HIS A 36 16.12 -1.43 -0.02
N PRO A 37 15.69 -1.53 -1.29
CA PRO A 37 14.37 -2.01 -1.64
C PRO A 37 14.05 -3.43 -1.12
N CYS A 38 15.08 -4.25 -0.95
CA CYS A 38 14.96 -5.65 -0.49
C CYS A 38 14.73 -5.69 1.04
N ARG A 39 14.98 -4.60 1.77
CA ARG A 39 14.89 -4.66 3.25
C ARG A 39 13.42 -4.66 3.71
N PHE A 40 13.08 -5.57 4.62
CA PHE A 40 11.80 -5.59 5.35
C PHE A 40 11.78 -4.40 6.29
N ASP A 41 10.93 -3.40 6.05
CA ASP A 41 10.95 -2.16 6.86
C ASP A 41 9.97 -2.30 8.03
N THR A 42 9.05 -3.26 8.00
CA THR A 42 8.00 -3.38 9.04
C THR A 42 8.01 -4.78 9.66
N ASN A 43 7.78 -5.83 8.89
CA ASN A 43 7.81 -7.23 9.39
C ASN A 43 9.24 -7.57 9.84
N THR A 44 9.33 -8.31 10.95
CA THR A 44 10.60 -8.65 11.67
C THR A 44 11.28 -9.83 10.98
N ARG A 45 11.58 -9.70 9.68
CA ARG A 45 12.01 -10.82 8.82
C ARG A 45 13.42 -10.57 8.28
N VAL A 46 14.09 -11.66 7.95
CA VAL A 46 15.39 -11.67 7.22
C VAL A 46 15.40 -12.88 6.31
N LEU A 47 15.98 -12.75 5.11
CA LEU A 47 16.23 -13.89 4.18
C LEU A 47 17.69 -14.35 4.21
N ALA A 48 17.91 -15.58 3.76
CA ALA A 48 19.26 -16.05 3.37
C ALA A 48 19.70 -15.31 2.10
N SER A 49 21.01 -15.17 1.90
CA SER A 49 21.55 -14.52 0.67
C SER A 49 21.31 -15.43 -0.54
N CYS A 50 21.36 -16.74 -0.35
CA CYS A 50 21.18 -17.73 -1.45
C CYS A 50 19.69 -18.06 -1.62
N GLY A 51 19.20 -17.99 -2.85
CA GLY A 51 17.85 -18.43 -3.26
C GLY A 51 17.96 -19.62 -4.21
N PHE A 52 16.83 -20.28 -4.47
CA PHE A 52 16.76 -21.52 -5.28
C PHE A 52 15.64 -21.40 -6.30
N SER A 53 15.95 -21.57 -7.59
CA SER A 53 14.96 -21.52 -8.69
C SER A 53 14.48 -22.93 -9.05
N SER A 54 15.29 -23.95 -8.76
CA SER A 54 15.04 -25.36 -9.16
C SER A 54 15.83 -26.31 -8.26
N GLY A 55 15.57 -27.62 -8.41
CA GLY A 55 16.30 -28.67 -7.67
C GLY A 55 15.71 -28.87 -6.28
N ARG A 56 16.47 -29.54 -5.42
CA ARG A 56 16.07 -29.86 -4.04
C ARG A 56 17.27 -29.57 -3.15
N HIS A 57 17.03 -28.90 -2.03
CA HIS A 57 18.06 -28.47 -1.05
C HIS A 57 17.46 -28.68 0.33
N HIS A 58 18.31 -28.75 1.35
CA HIS A 58 17.87 -28.79 2.75
C HIS A 58 18.90 -28.09 3.62
N TRP A 59 18.47 -27.67 4.82
CA TRP A 59 19.32 -27.04 5.88
C TRP A 59 18.65 -27.26 7.23
N GLU A 60 19.32 -26.83 8.30
CA GLU A 60 18.81 -27.00 9.68
C GLU A 60 18.74 -25.65 10.36
N VAL A 61 17.84 -25.54 11.35
CA VAL A 61 17.58 -24.31 12.12
C VAL A 61 17.44 -24.68 13.59
N GLU A 62 18.35 -24.17 14.42
CA GLU A 62 18.24 -24.21 15.89
C GLU A 62 17.17 -23.19 16.27
N VAL A 63 16.32 -23.52 17.24
CA VAL A 63 15.15 -22.67 17.65
C VAL A 63 15.17 -22.45 19.15
N GLY A 64 14.86 -21.22 19.57
CA GLY A 64 14.65 -20.91 21.00
C GLY A 64 13.42 -21.61 21.55
N SER A 65 13.38 -21.77 22.87
CA SER A 65 12.26 -22.46 23.56
C SER A 65 11.11 -21.46 23.73
N LYS A 66 11.35 -20.15 23.62
CA LYS A 66 10.31 -19.14 23.90
C LYS A 66 9.61 -18.68 22.61
N ASP A 67 8.43 -18.07 22.79
CA ASP A 67 7.54 -17.56 21.71
C ASP A 67 8.24 -16.46 20.91
N GLY A 68 7.86 -16.32 19.64
CA GLY A 68 8.21 -15.14 18.85
C GLY A 68 8.85 -15.47 17.52
N TRP A 69 9.24 -16.72 17.28
CA TRP A 69 9.94 -17.07 16.03
C TRP A 69 9.03 -17.75 15.01
N ALA A 70 9.45 -17.67 13.77
CA ALA A 70 8.85 -18.32 12.60
C ALA A 70 9.93 -18.42 11.53
N PHE A 71 9.94 -19.52 10.80
CA PHE A 71 10.94 -19.76 9.75
C PHE A 71 10.40 -20.77 8.73
N GLY A 72 11.02 -20.77 7.58
CA GLY A 72 10.66 -21.65 6.47
C GLY A 72 11.22 -21.07 5.20
N VAL A 73 10.36 -20.74 4.25
CA VAL A 73 10.81 -20.18 2.95
C VAL A 73 9.83 -19.09 2.52
N ALA A 74 10.30 -18.22 1.63
CA ALA A 74 9.52 -17.12 1.04
C ALA A 74 9.82 -17.04 -0.46
N ARG A 75 8.83 -16.72 -1.26
CA ARG A 75 9.04 -16.40 -2.70
C ARG A 75 9.66 -15.00 -2.75
N GLU A 76 10.49 -14.75 -3.77
CA GLU A 76 11.29 -13.51 -3.89
C GLU A 76 10.40 -12.29 -3.83
N SER A 77 9.20 -12.39 -4.39
CA SER A 77 8.26 -11.27 -4.61
C SER A 77 7.53 -10.93 -3.32
N VAL A 78 7.83 -11.60 -2.20
CA VAL A 78 7.25 -11.21 -0.89
C VAL A 78 7.46 -9.69 -0.69
N ARG A 79 6.39 -8.95 -0.44
CA ARG A 79 6.47 -7.48 -0.34
C ARG A 79 7.34 -7.14 0.89
N ARG A 80 8.25 -6.18 0.70
CA ARG A 80 9.26 -5.81 1.71
C ARG A 80 8.78 -4.57 2.48
N LYS A 81 7.94 -3.70 1.88
CA LYS A 81 7.55 -2.43 2.55
C LYS A 81 6.11 -2.55 3.06
N GLY A 82 5.85 -2.00 4.24
CA GLY A 82 4.53 -2.02 4.88
C GLY A 82 4.33 -3.32 5.64
N LEU A 83 3.26 -3.41 6.40
CA LEU A 83 2.88 -4.66 7.11
C LEU A 83 2.25 -5.61 6.12
N THR A 84 2.86 -6.78 5.91
CA THR A 84 2.29 -7.87 5.09
C THR A 84 1.75 -8.95 6.02
N PRO A 85 0.58 -9.54 5.75
CA PRO A 85 0.18 -10.75 6.47
C PRO A 85 1.24 -11.85 6.31
N PHE A 86 1.50 -12.56 7.40
CA PHE A 86 2.39 -13.74 7.44
C PHE A 86 1.59 -14.97 7.03
N THR A 87 1.36 -15.15 5.74
CA THR A 87 0.52 -16.27 5.20
C THR A 87 1.05 -16.80 3.87
N PRO A 88 0.72 -18.06 3.52
CA PRO A 88 1.04 -18.64 2.21
C PRO A 88 0.62 -17.78 1.00
N GLU A 89 -0.56 -17.20 1.00
CA GLU A 89 -1.06 -16.30 -0.07
C GLU A 89 -0.14 -15.09 -0.25
N GLU A 90 0.56 -14.67 0.80
CA GLU A 90 1.43 -13.47 0.75
C GLU A 90 2.88 -13.89 0.57
N GLY A 91 3.16 -15.18 0.38
CA GLY A 91 4.43 -15.68 -0.16
C GLY A 91 5.35 -16.21 0.91
N VAL A 92 4.77 -16.66 2.02
CA VAL A 92 5.52 -17.19 3.20
C VAL A 92 4.98 -18.58 3.58
N TRP A 93 5.86 -19.53 3.79
CA TRP A 93 5.51 -20.91 4.17
C TRP A 93 6.40 -21.32 5.34
N ALA A 94 5.84 -21.36 6.55
CA ALA A 94 6.65 -21.35 7.78
C ALA A 94 6.04 -22.15 8.94
N LEU A 95 6.92 -22.61 9.84
CA LEU A 95 6.54 -23.05 11.20
C LEU A 95 6.75 -21.87 12.14
N GLN A 96 5.96 -21.85 13.22
CA GLN A 96 5.88 -20.75 14.19
C GLN A 96 5.69 -21.31 15.60
N LEU A 97 6.42 -20.75 16.57
CA LEU A 97 6.13 -20.90 18.02
C LEU A 97 5.47 -19.62 18.54
N ASN A 98 4.27 -19.75 19.05
CA ASN A 98 3.41 -18.65 19.54
C ASN A 98 2.45 -19.25 20.56
N GLY A 99 2.31 -18.61 21.72
CA GLY A 99 1.45 -19.06 22.83
C GLY A 99 1.87 -20.44 23.33
N GLY A 100 3.16 -20.78 23.27
CA GLY A 100 3.71 -22.11 23.65
C GLY A 100 3.34 -23.23 22.70
N GLN A 101 2.54 -22.94 21.67
CA GLN A 101 2.08 -23.92 20.64
C GLN A 101 2.95 -23.82 19.35
N TYR A 102 3.37 -24.96 18.84
CA TYR A 102 4.02 -25.13 17.51
C TYR A 102 2.94 -25.19 16.44
N TRP A 103 3.06 -24.35 15.42
CA TRP A 103 2.10 -24.17 14.31
C TRP A 103 2.79 -24.32 12.94
N ALA A 104 2.16 -25.02 12.00
CA ALA A 104 2.34 -24.76 10.55
C ALA A 104 1.45 -23.57 10.18
N VAL A 105 2.05 -22.50 9.63
CA VAL A 105 1.29 -21.24 9.42
C VAL A 105 0.48 -21.35 8.13
N THR A 106 -0.64 -22.06 8.18
CA THR A 106 -1.67 -22.08 7.11
C THR A 106 -2.58 -20.88 7.38
N SER A 107 -3.43 -20.54 6.42
CA SER A 107 -4.47 -19.48 6.54
C SER A 107 -5.75 -19.96 5.85
N PRO A 108 -6.94 -19.47 6.23
CA PRO A 108 -7.10 -18.46 7.27
C PRO A 108 -6.84 -18.95 8.70
N GLU A 109 -6.83 -20.27 8.94
CA GLU A 109 -6.55 -20.84 10.28
C GLU A 109 -5.19 -21.53 10.26
N ARG A 110 -4.34 -21.24 11.25
CA ARG A 110 -3.05 -21.98 11.43
C ARG A 110 -3.35 -23.42 11.83
N SER A 111 -2.39 -24.31 11.61
CA SER A 111 -2.48 -25.77 11.89
C SER A 111 -1.58 -26.16 13.06
N PRO A 112 -2.14 -26.47 14.26
CA PRO A 112 -1.30 -26.82 15.41
C PRO A 112 -0.66 -28.20 15.24
N LEU A 113 0.63 -28.28 15.52
CA LEU A 113 1.38 -29.54 15.46
C LEU A 113 1.36 -30.12 16.87
N SER A 114 1.55 -31.43 16.99
CA SER A 114 1.45 -32.20 18.25
C SER A 114 2.80 -32.23 18.97
N CYS A 115 3.88 -31.67 18.39
CA CYS A 115 5.26 -31.83 18.94
C CYS A 115 5.39 -31.04 20.24
N GLY A 116 5.95 -31.68 21.26
CA GLY A 116 6.05 -31.13 22.63
C GLY A 116 7.15 -30.09 22.74
N HIS A 117 8.29 -30.34 22.09
CA HIS A 117 9.46 -29.42 22.11
C HIS A 117 10.33 -29.62 20.86
N LEU A 118 11.03 -28.56 20.45
CA LEU A 118 11.95 -28.56 19.29
C LEU A 118 13.23 -27.88 19.73
N SER A 119 14.37 -28.51 19.47
CA SER A 119 15.74 -27.96 19.64
C SER A 119 16.29 -27.55 18.27
N ARG A 120 16.18 -28.43 17.29
CA ARG A 120 16.70 -28.24 15.93
C ARG A 120 15.73 -28.85 14.93
N VAL A 121 15.50 -28.14 13.82
CA VAL A 121 14.56 -28.54 12.74
C VAL A 121 15.30 -28.58 11.40
N ARG A 122 15.02 -29.58 10.58
CA ARG A 122 15.54 -29.64 9.21
C ARG A 122 14.44 -29.14 8.31
N VAL A 123 14.78 -28.15 7.50
CA VAL A 123 13.92 -27.66 6.40
C VAL A 123 14.40 -28.36 5.14
N ALA A 124 13.50 -28.97 4.38
CA ALA A 124 13.77 -29.61 3.07
C ALA A 124 12.90 -28.94 2.01
N LEU A 125 13.53 -28.30 1.02
CA LEU A 125 12.84 -27.56 -0.07
C LEU A 125 13.03 -28.36 -1.34
N ASP A 126 11.95 -28.65 -2.06
CA ASP A 126 12.01 -29.51 -3.27
C ASP A 126 11.15 -28.84 -4.33
N LEU A 127 11.82 -28.16 -5.26
CA LEU A 127 11.19 -27.39 -6.35
C LEU A 127 10.87 -28.32 -7.53
N GLU A 128 11.49 -29.52 -7.55
CA GLU A 128 11.18 -30.60 -8.54
C GLU A 128 9.73 -31.07 -8.32
N VAL A 129 9.40 -31.45 -7.09
CA VAL A 129 8.04 -31.95 -6.72
C VAL A 129 7.13 -30.77 -6.34
N GLY A 130 7.71 -29.67 -5.83
CA GLY A 130 6.93 -28.47 -5.43
C GLY A 130 6.40 -28.59 -4.02
N ALA A 131 7.29 -28.71 -3.04
CA ALA A 131 6.93 -28.77 -1.60
C ALA A 131 8.08 -28.28 -0.72
N VAL A 132 7.74 -27.90 0.52
CA VAL A 132 8.70 -27.56 1.61
C VAL A 132 8.22 -28.27 2.88
N SER A 133 9.17 -28.89 3.58
CA SER A 133 8.93 -29.90 4.63
C SER A 133 9.86 -29.59 5.78
N PHE A 134 9.35 -29.87 6.99
CA PHE A 134 10.04 -29.67 8.28
C PHE A 134 10.12 -31.02 9.03
N TYR A 135 11.25 -31.26 9.66
CA TYR A 135 11.59 -32.52 10.39
C TYR A 135 12.26 -32.10 11.67
N ALA A 136 11.91 -32.73 12.80
CA ALA A 136 12.64 -32.61 14.08
C ALA A 136 13.90 -33.46 13.95
N VAL A 137 15.05 -32.93 14.34
CA VAL A 137 16.37 -33.57 14.06
C VAL A 137 16.49 -34.84 14.91
N GLU A 138 16.07 -34.82 16.18
CA GLU A 138 16.23 -35.92 17.18
C GLU A 138 16.20 -37.28 16.49
N ASP A 139 15.21 -37.54 15.62
CA ASP A 139 15.05 -38.84 14.90
C ASP A 139 14.37 -38.61 13.53
N MET A 140 14.53 -37.40 12.97
CA MET A 140 13.96 -36.99 11.65
C MET A 140 12.45 -37.28 11.59
N ARG A 141 11.69 -37.01 12.64
CA ARG A 141 10.22 -37.24 12.60
C ARG A 141 9.60 -36.09 11.79
N HIS A 142 8.73 -36.43 10.84
CA HIS A 142 8.02 -35.48 9.98
C HIS A 142 7.12 -34.59 10.85
N LEU A 143 7.19 -33.27 10.67
CA LEU A 143 6.35 -32.26 11.39
C LEU A 143 5.22 -31.78 10.46
N TYR A 144 5.57 -31.32 9.26
CA TYR A 144 4.58 -30.72 8.34
C TYR A 144 5.14 -30.57 6.92
N THR A 145 4.26 -30.60 5.92
CA THR A 145 4.55 -30.35 4.51
C THR A 145 3.56 -29.35 3.94
N PHE A 146 4.07 -28.24 3.40
CA PHE A 146 3.32 -27.38 2.46
C PHE A 146 3.56 -27.88 1.03
N ARG A 147 2.49 -28.04 0.25
CA ARG A 147 2.59 -28.33 -1.21
C ARG A 147 2.33 -27.03 -1.94
N VAL A 148 3.33 -26.58 -2.68
CA VAL A 148 3.27 -25.27 -3.40
C VAL A 148 3.71 -25.49 -4.85
N ASN A 149 2.90 -25.00 -5.78
CA ASN A 149 3.30 -24.81 -7.20
C ASN A 149 4.19 -23.55 -7.29
N PHE A 150 5.47 -23.65 -6.90
CA PHE A 150 6.42 -22.50 -6.86
C PHE A 150 6.73 -22.03 -8.27
N GLN A 151 6.46 -20.76 -8.59
CA GLN A 151 6.60 -20.17 -9.94
C GLN A 151 7.69 -19.08 -9.95
N GLU A 152 8.53 -18.99 -8.92
CA GLU A 152 9.68 -18.05 -8.90
C GLU A 152 10.69 -18.49 -7.84
N ARG A 153 11.84 -17.83 -7.81
CA ARG A 153 12.95 -18.13 -6.87
C ARG A 153 12.41 -18.09 -5.42
N VAL A 154 12.99 -18.92 -4.55
CA VAL A 154 12.49 -19.24 -3.19
C VAL A 154 13.66 -19.15 -2.22
N PHE A 155 13.50 -18.34 -1.18
CA PHE A 155 14.56 -17.98 -0.20
C PHE A 155 14.22 -18.56 1.17
N PRO A 156 15.21 -19.12 1.86
CA PRO A 156 15.08 -19.36 3.30
C PRO A 156 14.69 -18.07 4.05
N LEU A 157 13.70 -18.19 4.94
CA LEU A 157 13.05 -17.06 5.64
C LEU A 157 13.18 -17.26 7.15
N PHE A 158 13.41 -16.18 7.89
CA PHE A 158 13.54 -16.20 9.37
C PHE A 158 12.87 -14.94 9.93
N SER A 159 12.09 -15.11 11.00
CA SER A 159 11.34 -14.01 11.63
C SER A 159 11.36 -14.19 13.15
N VAL A 160 11.70 -13.12 13.85
CA VAL A 160 11.69 -13.07 15.35
C VAL A 160 10.97 -11.79 15.76
N CYS A 161 9.78 -11.90 16.36
CA CYS A 161 8.92 -10.72 16.64
C CYS A 161 8.85 -10.46 18.16
N SER A 162 9.69 -11.08 18.97
CA SER A 162 9.83 -10.70 20.40
C SER A 162 11.23 -11.03 20.91
N THR A 163 11.64 -10.32 21.97
CA THR A 163 12.94 -10.54 22.65
C THR A 163 12.88 -11.86 23.41
N GLY A 164 14.03 -12.45 23.65
CA GLY A 164 14.13 -13.62 24.54
C GLY A 164 13.97 -14.90 23.76
N THR A 165 14.01 -14.82 22.43
CA THR A 165 14.09 -16.04 21.60
C THR A 165 15.05 -15.75 20.44
N TYR A 166 15.36 -16.79 19.69
CA TYR A 166 16.38 -16.73 18.63
C TYR A 166 16.12 -17.83 17.62
N LEU A 167 16.76 -17.69 16.47
CA LEU A 167 16.90 -18.75 15.46
C LEU A 167 18.37 -18.74 15.05
N ARG A 168 18.90 -19.87 14.59
CA ARG A 168 20.30 -20.01 14.15
C ARG A 168 20.35 -21.11 13.10
N ILE A 169 20.94 -20.79 11.95
CA ILE A 169 21.19 -21.75 10.85
C ILE A 169 22.30 -22.73 11.29
N TRP A 170 22.16 -24.01 10.92
CA TRP A 170 23.21 -25.07 10.96
C TRP A 170 23.21 -25.82 9.64
N PRO A 171 24.39 -26.17 9.08
CA PRO A 171 25.69 -25.77 9.65
C PRO A 171 26.11 -24.35 9.27
N LEU B 4 27.64 4.82 -17.68
CA LEU B 4 26.48 4.19 -16.99
C LEU B 4 25.80 3.16 -17.90
N THR B 5 25.15 2.17 -17.29
CA THR B 5 24.29 1.14 -17.92
C THR B 5 22.98 1.01 -17.12
N LEU B 6 21.87 0.90 -17.82
CA LEU B 6 20.55 0.72 -17.17
C LEU B 6 20.56 -0.63 -16.47
N ASP B 7 19.91 -0.69 -15.30
CA ASP B 7 19.77 -1.94 -14.49
C ASP B 7 18.48 -2.64 -14.89
N PRO B 8 18.51 -3.75 -15.65
CA PRO B 8 17.27 -4.37 -16.12
C PRO B 8 16.44 -4.93 -14.94
N ASP B 9 17.07 -5.18 -13.79
CA ASP B 9 16.39 -5.69 -12.58
C ASP B 9 15.44 -4.63 -12.00
N THR B 10 15.76 -3.35 -12.17
CA THR B 10 14.90 -2.23 -11.69
C THR B 10 13.80 -1.92 -12.73
N ALA B 11 13.98 -2.31 -13.99
CA ALA B 11 13.14 -1.76 -15.09
C ALA B 11 11.69 -2.24 -14.97
N ASN B 12 10.76 -1.29 -15.05
CA ASN B 12 9.33 -1.60 -15.22
C ASN B 12 9.19 -2.54 -16.40
N PRO B 13 8.41 -3.63 -16.28
CA PRO B 13 8.29 -4.61 -17.34
C PRO B 13 7.70 -4.12 -18.68
N ARG B 14 7.10 -2.92 -18.73
CA ARG B 14 6.58 -2.34 -19.98
C ARG B 14 7.72 -1.65 -20.74
N LEU B 15 8.86 -1.38 -20.11
CA LEU B 15 9.97 -0.68 -20.76
C LEU B 15 10.75 -1.67 -21.63
N ILE B 16 11.30 -1.16 -22.73
CA ILE B 16 12.22 -1.93 -23.62
C ILE B 16 13.60 -1.26 -23.52
N LEU B 17 14.58 -1.98 -22.99
CA LEU B 17 15.98 -1.50 -22.93
C LEU B 17 16.73 -2.02 -24.16
N SER B 18 17.63 -1.21 -24.72
CA SER B 18 18.52 -1.56 -25.87
C SER B 18 19.58 -2.56 -25.40
N LEU B 19 20.22 -3.27 -26.33
CA LEU B 19 21.11 -4.43 -26.02
C LEU B 19 22.37 -3.97 -25.28
N ASP B 20 22.82 -2.72 -25.48
CA ASP B 20 24.00 -2.15 -24.76
C ASP B 20 23.58 -1.46 -23.45
N LEU B 21 22.29 -1.55 -23.07
CA LEU B 21 21.76 -1.07 -21.76
C LEU B 21 21.94 0.46 -21.62
N LYS B 22 21.92 1.20 -22.74
CA LYS B 22 22.03 2.69 -22.75
C LYS B 22 20.67 3.34 -23.00
N GLY B 23 19.85 2.71 -23.84
CA GLY B 23 18.64 3.31 -24.41
C GLY B 23 17.39 2.72 -23.78
N VAL B 24 16.31 3.48 -23.72
CA VAL B 24 15.05 2.97 -23.12
C VAL B 24 13.86 3.62 -23.82
N ARG B 25 12.82 2.84 -24.07
CA ARG B 25 11.53 3.32 -24.58
C ARG B 25 10.40 2.51 -23.95
N LEU B 26 9.16 3.00 -24.03
CA LEU B 26 7.98 2.26 -23.53
C LEU B 26 7.52 1.31 -24.66
N GLY B 27 7.33 0.04 -24.33
CA GLY B 27 6.75 -0.97 -25.22
C GLY B 27 5.23 -1.02 -25.10
N GLU B 28 4.59 -1.86 -25.90
CA GLU B 28 3.11 -1.96 -26.05
C GLU B 28 2.50 -2.85 -24.96
N ARG B 29 3.29 -3.71 -24.31
CA ARG B 29 2.78 -4.64 -23.25
C ARG B 29 3.82 -4.88 -22.15
N ALA B 30 3.35 -5.37 -21.00
CA ALA B 30 4.20 -5.81 -19.87
C ALA B 30 4.82 -7.16 -20.24
N GLN B 31 6.15 -7.25 -20.16
CA GLN B 31 6.93 -8.51 -20.25
C GLN B 31 6.72 -9.28 -18.96
N ASP B 32 6.78 -10.61 -19.02
CA ASP B 32 6.81 -11.51 -17.84
C ASP B 32 8.26 -11.57 -17.36
N LEU B 33 8.56 -10.97 -16.22
CA LEU B 33 9.94 -10.88 -15.70
C LEU B 33 9.95 -11.32 -14.23
N PRO B 34 11.12 -11.72 -13.69
CA PRO B 34 11.28 -11.95 -12.25
C PRO B 34 10.92 -10.72 -11.41
N ASN B 35 10.14 -10.95 -10.36
CA ASN B 35 9.55 -9.88 -9.50
C ASN B 35 10.54 -9.53 -8.38
N HIS B 36 11.72 -9.03 -8.74
CA HIS B 36 12.73 -8.54 -7.77
C HIS B 36 12.11 -7.42 -6.96
N PRO B 37 12.41 -7.32 -5.64
CA PRO B 37 11.94 -6.19 -4.83
C PRO B 37 12.40 -4.82 -5.34
N CYS B 38 13.52 -4.75 -6.08
CA CYS B 38 14.07 -3.49 -6.66
C CYS B 38 13.30 -3.09 -7.93
N ARG B 39 12.44 -3.94 -8.51
CA ARG B 39 11.71 -3.61 -9.77
C ARG B 39 10.54 -2.65 -9.50
N PHE B 40 10.50 -1.55 -10.24
CA PHE B 40 9.32 -0.67 -10.36
C PHE B 40 8.19 -1.44 -11.04
N ASP B 41 7.08 -1.68 -10.34
CA ASP B 41 6.01 -2.59 -10.82
C ASP B 41 4.89 -1.78 -11.48
N THR B 42 4.80 -0.45 -11.28
CA THR B 42 3.77 0.37 -11.98
C THR B 42 4.37 1.64 -12.58
N ASN B 43 5.16 2.43 -11.84
CA ASN B 43 5.79 3.64 -12.42
C ASN B 43 6.78 3.18 -13.51
N THR B 44 6.87 3.92 -14.61
CA THR B 44 7.58 3.50 -15.84
C THR B 44 9.04 3.90 -15.72
N ARG B 45 9.73 3.39 -14.69
CA ARG B 45 11.03 3.91 -14.27
C ARG B 45 12.08 2.82 -14.41
N VAL B 46 13.32 3.24 -14.56
CA VAL B 46 14.49 2.33 -14.50
C VAL B 46 15.64 3.13 -13.93
N LEU B 47 16.49 2.53 -13.12
CA LEU B 47 17.72 3.17 -12.63
C LEU B 47 18.93 2.61 -13.38
N ALA B 48 20.04 3.33 -13.35
CA ALA B 48 21.38 2.80 -13.70
C ALA B 48 21.80 1.73 -12.68
N SER B 49 22.69 0.81 -13.07
CA SER B 49 23.25 -0.22 -12.15
C SER B 49 24.16 0.45 -11.12
N CYS B 50 24.87 1.52 -11.49
CA CYS B 50 25.79 2.19 -10.55
C CYS B 50 25.07 3.34 -9.83
N GLY B 51 25.24 3.44 -8.52
CA GLY B 51 24.73 4.55 -7.68
C GLY B 51 25.89 5.18 -6.92
N PHE B 52 25.74 6.42 -6.45
CA PHE B 52 26.85 7.23 -5.88
C PHE B 52 26.48 7.67 -4.47
N SER B 53 27.43 7.53 -3.53
CA SER B 53 27.33 7.96 -2.11
C SER B 53 28.26 9.15 -1.83
N SER B 54 29.10 9.53 -2.79
CA SER B 54 30.06 10.65 -2.60
C SER B 54 30.61 11.14 -3.93
N GLY B 55 31.22 12.32 -3.90
CA GLY B 55 32.04 12.85 -5.00
C GLY B 55 31.20 13.61 -6.00
N ARG B 56 31.81 13.84 -7.17
CA ARG B 56 31.30 14.60 -8.33
C ARG B 56 31.26 13.64 -9.51
N HIS B 57 30.12 13.55 -10.18
CA HIS B 57 29.90 12.65 -11.33
C HIS B 57 29.01 13.36 -12.33
N HIS B 58 29.15 13.03 -13.60
CA HIS B 58 28.32 13.58 -14.69
C HIS B 58 28.23 12.57 -15.82
N TRP B 59 27.13 12.60 -16.53
CA TRP B 59 26.87 11.78 -17.74
C TRP B 59 25.94 12.60 -18.60
N GLU B 60 25.67 12.14 -19.81
CA GLU B 60 24.76 12.83 -20.74
C GLU B 60 23.62 11.89 -21.09
N VAL B 61 22.47 12.48 -21.44
CA VAL B 61 21.25 11.75 -21.87
C VAL B 61 20.76 12.37 -23.18
N GLU B 62 20.75 11.59 -24.24
CA GLU B 62 20.08 11.93 -25.52
C GLU B 62 18.58 11.77 -25.25
N VAL B 63 17.74 12.66 -25.79
CA VAL B 63 16.29 12.73 -25.46
C VAL B 63 15.48 12.80 -26.74
N GLY B 64 14.32 12.16 -26.77
CA GLY B 64 13.41 12.27 -27.92
C GLY B 64 12.75 13.63 -27.97
N SER B 65 12.22 14.02 -29.14
CA SER B 65 11.53 15.32 -29.34
C SER B 65 10.10 15.24 -28.82
N LYS B 66 9.50 14.04 -28.66
CA LYS B 66 8.06 13.88 -28.31
C LYS B 66 7.86 13.61 -26.81
N ASP B 67 6.63 13.89 -26.32
CA ASP B 67 6.25 13.90 -24.89
C ASP B 67 6.45 12.51 -24.25
N GLY B 68 6.73 12.48 -22.95
CA GLY B 68 6.59 11.25 -22.16
C GLY B 68 7.85 10.84 -21.41
N TRP B 69 8.97 11.58 -21.53
CA TRP B 69 10.18 11.22 -20.76
C TRP B 69 10.37 12.13 -19.55
N ALA B 70 11.03 11.57 -18.54
CA ALA B 70 11.63 12.29 -17.39
C ALA B 70 12.93 11.60 -16.99
N PHE B 71 13.90 12.36 -16.51
CA PHE B 71 15.18 11.79 -16.07
C PHE B 71 15.90 12.75 -15.14
N GLY B 72 16.75 12.15 -14.32
CA GLY B 72 17.54 12.84 -13.30
C GLY B 72 18.20 11.83 -12.39
N VAL B 73 17.96 11.98 -11.09
CA VAL B 73 18.47 11.04 -10.06
C VAL B 73 17.34 10.68 -9.09
N ALA B 74 17.51 9.57 -8.40
CA ALA B 74 16.59 9.07 -7.35
C ALA B 74 17.44 8.59 -6.19
N ARG B 75 16.94 8.80 -4.98
CA ARG B 75 17.49 8.16 -3.78
C ARG B 75 17.06 6.70 -3.81
N GLU B 76 17.93 5.83 -3.31
CA GLU B 76 17.76 4.37 -3.34
C GLU B 76 16.40 3.96 -2.77
N SER B 77 15.98 4.61 -1.68
CA SER B 77 14.76 4.27 -0.90
C SER B 77 13.49 4.67 -1.66
N VAL B 78 13.60 5.20 -2.89
CA VAL B 78 12.40 5.49 -3.72
C VAL B 78 11.54 4.21 -3.73
N ARG B 79 10.24 4.32 -3.52
CA ARG B 79 9.36 3.13 -3.43
C ARG B 79 9.24 2.49 -4.82
N ARG B 80 9.39 1.16 -4.88
CA ARG B 80 9.38 0.40 -6.15
C ARG B 80 7.98 -0.12 -6.44
N LYS B 81 7.19 -0.45 -5.42
CA LYS B 81 5.88 -1.12 -5.60
C LYS B 81 4.72 -0.14 -5.42
N GLY B 82 3.69 -0.26 -6.28
CA GLY B 82 2.50 0.61 -6.28
C GLY B 82 2.77 1.93 -6.99
N LEU B 83 1.74 2.77 -7.10
CA LEU B 83 1.87 4.10 -7.74
C LEU B 83 2.50 5.08 -6.75
N THR B 84 3.66 5.66 -7.10
CA THR B 84 4.33 6.73 -6.33
C THR B 84 4.14 8.05 -7.08
N PRO B 85 3.96 9.18 -6.36
CA PRO B 85 4.16 10.49 -6.99
C PRO B 85 5.58 10.68 -7.53
N PHE B 86 5.69 11.38 -8.65
CA PHE B 86 6.98 11.70 -9.29
C PHE B 86 7.43 13.05 -8.75
N THR B 87 7.86 13.10 -7.49
CA THR B 87 8.14 14.37 -6.76
C THR B 87 9.46 14.24 -6.00
N PRO B 88 10.09 15.39 -5.65
CA PRO B 88 11.23 15.40 -4.73
C PRO B 88 10.93 14.75 -3.37
N GLU B 89 9.77 14.97 -2.77
CA GLU B 89 9.37 14.35 -1.46
C GLU B 89 9.42 12.83 -1.57
N GLU B 90 9.14 12.27 -2.75
CA GLU B 90 9.12 10.81 -3.01
C GLU B 90 10.49 10.34 -3.51
N GLY B 91 11.50 11.20 -3.51
CA GLY B 91 12.92 10.82 -3.74
C GLY B 91 13.32 10.84 -5.20
N VAL B 92 12.68 11.68 -6.00
CA VAL B 92 13.01 11.86 -7.45
C VAL B 92 13.31 13.35 -7.72
N TRP B 93 14.43 13.60 -8.40
CA TRP B 93 14.86 14.97 -8.81
C TRP B 93 15.14 14.91 -10.31
N ALA B 94 14.25 15.45 -11.14
CA ALA B 94 14.27 15.17 -12.59
C ALA B 94 13.74 16.31 -13.45
N LEU B 95 14.18 16.31 -14.72
CA LEU B 95 13.63 17.07 -15.87
C LEU B 95 12.63 16.19 -16.60
N GLN B 96 11.65 16.84 -17.21
CA GLN B 96 10.47 16.17 -17.81
C GLN B 96 10.09 16.91 -19.09
N LEU B 97 9.78 16.16 -20.14
CA LEU B 97 9.17 16.71 -21.38
C LEU B 97 7.73 16.24 -21.40
N ASN B 98 6.82 17.17 -21.23
CA ASN B 98 5.36 16.91 -21.11
C ASN B 98 4.60 18.14 -21.62
N GLY B 99 3.58 17.92 -22.46
CA GLY B 99 2.75 18.97 -23.09
C GLY B 99 3.53 19.94 -23.95
N GLY B 100 4.55 19.47 -24.68
CA GLY B 100 5.39 20.30 -25.55
C GLY B 100 6.33 21.24 -24.78
N GLN B 101 6.38 21.15 -23.45
CA GLN B 101 7.19 22.02 -22.55
C GLN B 101 8.21 21.17 -21.78
N TYR B 102 9.35 21.76 -21.44
CA TYR B 102 10.39 21.18 -20.54
C TYR B 102 10.17 21.71 -19.13
N TRP B 103 10.14 20.79 -18.17
CA TRP B 103 9.84 21.08 -16.75
C TRP B 103 11.01 20.60 -15.88
N ALA B 104 11.36 21.40 -14.87
CA ALA B 104 12.03 20.91 -13.66
C ALA B 104 10.93 20.45 -12.72
N VAL B 105 10.90 19.17 -12.38
CA VAL B 105 9.77 18.61 -11.60
C VAL B 105 10.02 18.95 -10.13
N THR B 106 9.78 20.20 -9.76
CA THR B 106 9.64 20.67 -8.36
C THR B 106 8.24 20.28 -7.90
N SER B 107 7.93 20.47 -6.61
CA SER B 107 6.63 20.10 -5.98
C SER B 107 6.31 21.14 -4.91
N PRO B 108 5.02 21.48 -4.65
CA PRO B 108 3.87 20.89 -5.36
C PRO B 108 3.59 21.38 -6.79
N GLU B 109 4.29 22.43 -7.25
CA GLU B 109 4.18 22.95 -8.64
C GLU B 109 5.47 22.61 -9.40
N ARG B 110 5.34 22.01 -10.58
CA ARG B 110 6.46 21.85 -11.54
C ARG B 110 6.91 23.24 -12.01
N SER B 111 8.19 23.40 -12.33
CA SER B 111 8.81 24.67 -12.77
C SER B 111 9.12 24.58 -14.27
N PRO B 112 8.38 25.30 -15.14
CA PRO B 112 8.62 25.21 -16.58
C PRO B 112 9.95 25.90 -16.90
N LEU B 113 10.71 25.36 -17.85
CA LEU B 113 12.02 25.93 -18.25
C LEU B 113 11.84 26.73 -19.54
N SER B 114 12.56 27.84 -19.66
CA SER B 114 12.65 28.69 -20.88
C SER B 114 13.98 28.37 -21.53
N CYS B 115 14.00 27.27 -22.26
CA CYS B 115 15.15 26.79 -23.04
C CYS B 115 14.61 26.48 -24.43
N GLY B 116 15.50 26.36 -25.42
CA GLY B 116 15.13 25.92 -26.77
C GLY B 116 14.88 24.43 -26.82
N HIS B 117 14.84 23.86 -28.02
CA HIS B 117 14.80 22.39 -28.23
C HIS B 117 16.04 21.78 -27.58
N LEU B 118 15.85 20.67 -26.83
CA LEU B 118 16.94 19.86 -26.20
C LEU B 118 17.14 18.59 -27.05
N SER B 119 18.40 18.18 -27.23
CA SER B 119 18.79 17.01 -28.06
C SER B 119 19.55 16.02 -27.19
N ARG B 120 20.57 16.53 -26.53
CA ARG B 120 21.39 15.82 -25.53
C ARG B 120 21.50 16.76 -24.33
N VAL B 121 21.53 16.20 -23.13
CA VAL B 121 21.53 16.94 -21.84
C VAL B 121 22.61 16.34 -20.96
N ARG B 122 23.46 17.17 -20.34
CA ARG B 122 24.47 16.74 -19.35
C ARG B 122 23.85 16.84 -17.95
N VAL B 123 23.87 15.73 -17.20
CA VAL B 123 23.43 15.67 -15.79
C VAL B 123 24.71 15.67 -14.94
N ALA B 124 24.79 16.59 -14.00
CA ALA B 124 25.93 16.73 -13.07
C ALA B 124 25.42 16.49 -11.65
N LEU B 125 25.87 15.39 -11.04
CA LEU B 125 25.53 15.05 -9.64
C LEU B 125 26.72 15.41 -8.74
N ASP B 126 26.47 16.18 -7.69
CA ASP B 126 27.54 16.63 -6.77
C ASP B 126 27.07 16.37 -5.34
N LEU B 127 27.55 15.28 -4.76
CA LEU B 127 27.15 14.88 -3.38
C LEU B 127 28.04 15.62 -2.37
N GLU B 128 29.11 16.31 -2.82
CA GLU B 128 29.94 17.19 -1.94
C GLU B 128 29.17 18.49 -1.62
N VAL B 129 28.67 19.22 -2.61
CA VAL B 129 27.90 20.48 -2.40
C VAL B 129 26.39 20.19 -2.20
N GLY B 130 25.91 19.02 -2.61
CA GLY B 130 24.50 18.62 -2.42
C GLY B 130 23.62 19.26 -3.48
N ALA B 131 23.79 18.84 -4.73
CA ALA B 131 23.05 19.35 -5.89
C ALA B 131 23.06 18.35 -7.05
N VAL B 132 22.06 18.47 -7.90
CA VAL B 132 22.01 17.78 -9.21
C VAL B 132 21.57 18.84 -10.22
N SER B 133 22.31 18.93 -11.31
CA SER B 133 22.24 20.05 -12.28
C SER B 133 22.03 19.46 -13.65
N PHE B 134 21.37 20.20 -14.51
CA PHE B 134 21.10 19.84 -15.92
C PHE B 134 21.61 20.95 -16.82
N TYR B 135 22.34 20.60 -17.88
CA TYR B 135 22.91 21.53 -18.89
C TYR B 135 22.60 21.00 -20.29
N ALA B 136 22.26 21.89 -21.23
CA ALA B 136 22.09 21.55 -22.65
C ALA B 136 23.47 21.44 -23.29
N VAL B 137 23.76 20.33 -23.98
CA VAL B 137 25.13 19.96 -24.43
C VAL B 137 25.64 20.98 -25.47
N GLU B 138 24.74 21.54 -26.30
CA GLU B 138 25.09 22.36 -27.50
C GLU B 138 25.98 23.57 -27.15
N ASP B 139 25.84 24.16 -25.96
CA ASP B 139 26.71 25.26 -25.47
C ASP B 139 26.91 25.22 -23.95
N MET B 140 26.56 24.10 -23.30
CA MET B 140 26.54 23.90 -21.82
C MET B 140 25.78 25.01 -21.09
N ARG B 141 24.65 25.48 -21.64
CA ARG B 141 23.76 26.46 -20.97
C ARG B 141 22.98 25.76 -19.85
N HIS B 142 23.04 26.32 -18.63
CA HIS B 142 22.40 25.80 -17.40
C HIS B 142 20.88 25.81 -17.56
N LEU B 143 20.23 24.64 -17.41
CA LEU B 143 18.74 24.49 -17.48
C LEU B 143 18.13 24.63 -16.08
N TYR B 144 18.64 23.91 -15.09
CA TYR B 144 18.10 23.93 -13.71
C TYR B 144 19.04 23.21 -12.75
N THR B 145 18.95 23.56 -11.46
CA THR B 145 19.69 22.91 -10.37
C THR B 145 18.75 22.67 -9.19
N PHE B 146 18.63 21.41 -8.78
CA PHE B 146 17.99 21.05 -7.50
C PHE B 146 19.08 21.13 -6.43
N ARG B 147 18.73 21.75 -5.31
CA ARG B 147 19.53 21.82 -4.08
C ARG B 147 18.96 20.80 -3.14
N VAL B 148 19.73 19.77 -2.82
CA VAL B 148 19.28 18.63 -1.99
C VAL B 148 20.45 18.21 -1.12
N ASN B 149 20.20 18.14 0.19
CA ASN B 149 21.09 17.53 1.19
C ASN B 149 20.85 16.02 1.12
N PHE B 150 21.55 15.33 0.21
CA PHE B 150 21.41 13.88 -0.01
C PHE B 150 21.96 13.14 1.21
N GLN B 151 21.16 12.22 1.77
CA GLN B 151 21.52 11.44 2.97
C GLN B 151 21.54 9.95 2.64
N GLU B 152 21.54 9.56 1.36
CA GLU B 152 21.71 8.12 1.00
C GLU B 152 22.25 7.99 -0.43
N ARG B 153 22.55 6.75 -0.83
CA ARG B 153 23.07 6.46 -2.18
C ARG B 153 22.10 7.01 -3.23
N VAL B 154 22.64 7.62 -4.29
CA VAL B 154 21.86 8.31 -5.35
C VAL B 154 22.07 7.60 -6.68
N PHE B 155 21.01 7.24 -7.37
CA PHE B 155 21.08 6.50 -8.66
C PHE B 155 20.53 7.35 -9.79
N PRO B 156 21.18 7.38 -10.96
CA PRO B 156 20.59 7.96 -12.16
C PRO B 156 19.22 7.30 -12.43
N LEU B 157 18.23 8.13 -12.81
CA LEU B 157 16.81 7.74 -12.95
C LEU B 157 16.35 8.08 -14.36
N PHE B 158 15.64 7.15 -14.98
CA PHE B 158 15.07 7.28 -16.34
C PHE B 158 13.62 6.81 -16.28
N SER B 159 12.71 7.61 -16.83
CA SER B 159 11.26 7.28 -16.92
C SER B 159 10.73 7.61 -18.32
N VAL B 160 10.02 6.66 -18.94
CA VAL B 160 9.32 6.89 -20.24
C VAL B 160 7.89 6.39 -20.07
N CYS B 161 6.90 7.29 -20.04
CA CYS B 161 5.47 6.92 -19.80
C CYS B 161 4.59 7.10 -21.05
N SER B 162 5.15 7.15 -22.25
CA SER B 162 4.38 6.99 -23.51
C SER B 162 5.29 6.50 -24.67
N THR B 163 4.69 5.79 -25.62
CA THR B 163 5.39 5.25 -26.83
C THR B 163 5.83 6.42 -27.69
N GLY B 164 6.77 6.21 -28.61
CA GLY B 164 7.17 7.22 -29.59
C GLY B 164 8.11 8.27 -29.02
N THR B 165 8.66 8.06 -27.82
CA THR B 165 9.80 8.87 -27.33
C THR B 165 10.83 7.92 -26.71
N TYR B 166 11.96 8.45 -26.25
CA TYR B 166 13.07 7.61 -25.75
C TYR B 166 14.05 8.44 -24.91
N LEU B 167 14.92 7.75 -24.20
CA LEU B 167 16.12 8.31 -23.52
C LEU B 167 17.29 7.40 -23.85
N ARG B 168 18.49 7.96 -24.01
CA ARG B 168 19.72 7.15 -24.29
C ARG B 168 20.92 7.78 -23.60
N ILE B 169 21.61 6.98 -22.76
CA ILE B 169 22.82 7.43 -22.01
C ILE B 169 23.97 7.56 -23.00
N TRP B 170 24.80 8.60 -22.80
CA TRP B 170 26.13 8.83 -23.44
C TRP B 170 27.13 9.23 -22.37
N PRO B 171 28.40 8.78 -22.42
CA PRO B 171 28.89 7.90 -23.48
C PRO B 171 28.58 6.42 -23.17
N MET C 1 -21.48 19.44 27.02
CA MET C 1 -20.68 18.38 26.39
C MET C 1 -21.50 17.68 25.31
N VAL C 2 -20.86 17.32 24.20
CA VAL C 2 -21.46 16.52 23.10
C VAL C 2 -21.70 15.09 23.60
N GLU C 3 -22.83 14.49 23.23
CA GLU C 3 -23.17 13.06 23.49
C GLU C 3 -22.65 12.23 22.31
N LEU C 4 -21.51 11.55 22.49
CA LEU C 4 -20.80 10.82 21.40
C LEU C 4 -21.04 9.32 21.55
N THR C 5 -20.94 8.58 20.44
CA THR C 5 -20.91 7.11 20.43
C THR C 5 -19.83 6.65 19.44
N LEU C 6 -19.15 5.57 19.78
CA LEU C 6 -18.18 4.89 18.89
C LEU C 6 -18.90 4.38 17.63
N ASP C 7 -18.30 4.58 16.46
CA ASP C 7 -18.84 4.13 15.15
C ASP C 7 -18.39 2.67 14.92
N PRO C 8 -19.33 1.69 14.96
CA PRO C 8 -18.96 0.29 14.80
C PRO C 8 -18.33 0.02 13.44
N ASP C 9 -18.74 0.80 12.45
CA ASP C 9 -18.34 0.63 11.03
C ASP C 9 -16.85 0.96 10.85
N THR C 10 -16.25 1.75 11.74
CA THR C 10 -14.82 2.19 11.65
C THR C 10 -13.91 1.23 12.42
N ALA C 11 -14.46 0.46 13.35
CA ALA C 11 -13.67 -0.21 14.41
C ALA C 11 -12.82 -1.32 13.80
N ASN C 12 -11.53 -1.33 14.12
CA ASN C 12 -10.65 -2.49 13.85
C ASN C 12 -11.37 -3.74 14.35
N PRO C 13 -11.46 -4.83 13.55
CA PRO C 13 -12.22 -6.01 13.96
C PRO C 13 -11.74 -6.71 15.24
N ARG C 14 -10.50 -6.42 15.69
CA ARG C 14 -9.97 -7.01 16.96
C ARG C 14 -10.55 -6.25 18.15
N LEU C 15 -11.08 -5.05 17.96
CA LEU C 15 -11.65 -4.25 19.08
C LEU C 15 -13.04 -4.77 19.45
N ILE C 16 -13.30 -4.83 20.74
CA ILE C 16 -14.66 -5.11 21.28
C ILE C 16 -15.25 -3.78 21.74
N LEU C 17 -16.36 -3.34 21.13
CA LEU C 17 -17.17 -2.17 21.58
C LEU C 17 -18.27 -2.62 22.57
N SER C 18 -18.50 -1.81 23.60
CA SER C 18 -19.55 -2.07 24.63
C SER C 18 -20.93 -1.86 23.99
N LEU C 19 -21.98 -2.46 24.59
CA LEU C 19 -23.36 -2.46 24.04
C LEU C 19 -23.83 -1.03 23.82
N ASP C 20 -23.50 -0.12 24.75
CA ASP C 20 -23.89 1.32 24.66
C ASP C 20 -22.95 2.12 23.73
N LEU C 21 -21.92 1.48 23.15
CA LEU C 21 -20.99 2.09 22.15
C LEU C 21 -20.22 3.28 22.75
N LYS C 22 -19.87 3.23 24.05
CA LYS C 22 -19.04 4.26 24.71
C LYS C 22 -17.67 3.69 25.08
N GLY C 23 -17.60 2.38 25.37
CA GLY C 23 -16.37 1.72 25.87
C GLY C 23 -15.66 0.94 24.77
N VAL C 24 -14.33 0.85 24.83
CA VAL C 24 -13.56 0.06 23.83
C VAL C 24 -12.36 -0.60 24.49
N ARG C 25 -12.13 -1.86 24.15
CA ARG C 25 -10.92 -2.63 24.51
C ARG C 25 -10.51 -3.51 23.33
N LEU C 26 -9.35 -4.16 23.45
CA LEU C 26 -8.78 -5.04 22.41
C LEU C 26 -9.14 -6.49 22.74
N GLY C 27 -9.76 -7.18 21.79
CA GLY C 27 -10.19 -8.58 21.91
C GLY C 27 -9.07 -9.53 21.59
N GLU C 28 -9.31 -10.83 21.74
CA GLU C 28 -8.29 -11.90 21.56
C GLU C 28 -8.24 -12.31 20.08
N ARG C 29 -9.24 -11.92 19.28
CA ARG C 29 -9.46 -12.46 17.91
C ARG C 29 -10.10 -11.40 17.02
N ALA C 30 -9.83 -11.47 15.70
CA ALA C 30 -10.45 -10.63 14.67
C ALA C 30 -11.89 -11.11 14.45
N GLN C 31 -12.87 -10.27 14.72
CA GLN C 31 -14.31 -10.58 14.47
C GLN C 31 -14.56 -10.60 12.96
N ASP C 32 -15.62 -11.29 12.54
CA ASP C 32 -16.07 -11.36 11.12
C ASP C 32 -17.08 -10.23 10.90
N LEU C 33 -16.63 -9.09 10.36
CA LEU C 33 -17.46 -7.86 10.18
C LEU C 33 -17.42 -7.43 8.72
N PRO C 34 -18.42 -6.64 8.25
CA PRO C 34 -18.40 -6.11 6.89
C PRO C 34 -17.18 -5.17 6.66
N ASN C 35 -16.48 -5.36 5.55
CA ASN C 35 -15.21 -4.64 5.25
C ASN C 35 -15.52 -3.30 4.58
N HIS C 36 -16.21 -2.41 5.29
CA HIS C 36 -16.45 -0.99 4.91
C HIS C 36 -15.12 -0.29 4.61
N PRO C 37 -15.05 0.57 3.56
CA PRO C 37 -13.88 1.39 3.29
C PRO C 37 -13.43 2.20 4.52
N CYS C 38 -14.36 2.52 5.41
CA CYS C 38 -14.08 3.38 6.60
C CYS C 38 -13.45 2.54 7.73
N ARG C 39 -13.51 1.21 7.68
CA ARG C 39 -13.00 0.35 8.80
C ARG C 39 -11.47 0.30 8.78
N PHE C 40 -10.83 0.58 9.91
CA PHE C 40 -9.36 0.44 10.08
C PHE C 40 -9.04 -1.05 10.08
N ASP C 41 -8.28 -1.54 9.10
CA ASP C 41 -8.12 -3.00 8.95
C ASP C 41 -6.87 -3.50 9.67
N THR C 42 -6.01 -2.59 10.15
CA THR C 42 -4.69 -2.95 10.76
C THR C 42 -4.52 -2.20 12.08
N ASN C 43 -4.45 -0.87 12.05
CA ASN C 43 -4.25 -0.06 13.28
C ASN C 43 -5.50 -0.26 14.17
N THR C 44 -5.27 -0.29 15.48
CA THR C 44 -6.26 -0.72 16.49
C THR C 44 -7.16 0.48 16.82
N ARG C 45 -7.83 1.05 15.83
CA ARG C 45 -8.47 2.37 15.95
C ARG C 45 -9.98 2.27 15.75
N VAL C 46 -10.70 3.22 16.34
CA VAL C 46 -12.15 3.44 16.16
C VAL C 46 -12.38 4.94 16.29
N LEU C 47 -13.27 5.47 15.46
CA LEU C 47 -13.76 6.87 15.53
C LEU C 47 -15.15 6.88 16.15
N ALA C 48 -15.56 8.04 16.66
CA ALA C 48 -16.98 8.33 17.00
C ALA C 48 -17.75 8.49 15.68
N SER C 49 -19.04 8.19 15.68
CA SER C 49 -19.95 8.37 14.51
C SER C 49 -20.07 9.85 14.13
N CYS C 50 -19.88 10.79 15.06
CA CYS C 50 -20.02 12.24 14.82
C CYS C 50 -18.63 12.88 14.71
N GLY C 51 -18.38 13.57 13.59
CA GLY C 51 -17.21 14.44 13.34
C GLY C 51 -17.67 15.86 13.12
N PHE C 52 -16.75 16.81 13.14
CA PHE C 52 -17.06 18.25 13.34
C PHE C 52 -16.33 19.09 12.29
N SER C 53 -17.07 20.02 11.66
CA SER C 53 -16.58 20.94 10.59
C SER C 53 -16.20 22.32 11.16
N SER C 54 -16.84 22.74 12.26
CA SER C 54 -16.70 24.10 12.83
C SER C 54 -17.08 24.10 14.32
N GLY C 55 -16.87 25.23 14.99
CA GLY C 55 -17.35 25.48 16.38
C GLY C 55 -16.45 24.88 17.45
N ARG C 56 -16.84 25.08 18.71
CA ARG C 56 -16.19 24.52 19.90
C ARG C 56 -17.00 23.31 20.33
N HIS C 57 -16.31 22.21 20.66
CA HIS C 57 -16.94 20.96 21.15
C HIS C 57 -16.04 20.33 22.20
N HIS C 58 -16.63 19.73 23.21
CA HIS C 58 -15.85 18.95 24.20
C HIS C 58 -16.58 17.67 24.59
N TRP C 59 -15.81 16.77 25.21
CA TRP C 59 -16.23 15.43 25.67
C TRP C 59 -15.19 14.92 26.66
N GLU C 60 -15.52 13.87 27.39
CA GLU C 60 -14.62 13.30 28.42
C GLU C 60 -14.33 11.85 28.05
N VAL C 61 -13.13 11.39 28.40
CA VAL C 61 -12.66 10.02 28.08
C VAL C 61 -12.13 9.43 29.37
N GLU C 62 -12.71 8.32 29.80
CA GLU C 62 -12.20 7.51 30.93
C GLU C 62 -11.07 6.63 30.38
N VAL C 63 -9.98 6.51 31.13
CA VAL C 63 -8.74 5.87 30.62
C VAL C 63 -8.27 4.80 31.61
N GLY C 64 -7.86 3.64 31.08
CA GLY C 64 -7.25 2.55 31.85
C GLY C 64 -5.91 2.95 32.47
N SER C 65 -5.51 2.25 33.52
CA SER C 65 -4.26 2.53 34.26
C SER C 65 -3.08 1.89 33.55
N LYS C 66 -3.31 0.88 32.70
CA LYS C 66 -2.21 0.11 32.04
C LYS C 66 -1.92 0.63 30.63
N ASP C 67 -0.69 0.41 30.17
CA ASP C 67 -0.16 0.82 28.85
C ASP C 67 -1.09 0.31 27.74
N GLY C 68 -1.18 1.08 26.64
CA GLY C 68 -1.74 0.54 25.38
C GLY C 68 -2.81 1.40 24.76
N TRP C 69 -3.24 2.49 25.40
CA TRP C 69 -4.25 3.37 24.76
C TRP C 69 -3.63 4.64 24.18
N ALA C 70 -4.33 5.19 23.20
CA ALA C 70 -4.14 6.56 22.69
C ALA C 70 -5.51 7.10 22.29
N PHE C 71 -5.74 8.38 22.49
CA PHE C 71 -7.05 8.98 22.13
C PHE C 71 -6.85 10.45 21.83
N GLY C 72 -7.77 11.01 21.07
CA GLY C 72 -7.84 12.46 20.85
C GLY C 72 -8.72 12.72 19.67
N VAL C 73 -8.15 13.19 18.55
CA VAL C 73 -8.92 13.44 17.31
C VAL C 73 -8.11 12.98 16.09
N ALA C 74 -8.85 12.71 15.01
CA ALA C 74 -8.30 12.36 13.69
C ALA C 74 -9.06 13.13 12.61
N ARG C 75 -8.36 13.51 11.53
CA ARG C 75 -8.98 14.08 10.32
C ARG C 75 -9.62 12.93 9.53
N GLU C 76 -10.73 13.22 8.85
CA GLU C 76 -11.56 12.20 8.16
C GLU C 76 -10.67 11.39 7.21
N SER C 77 -9.71 12.03 6.54
CA SER C 77 -8.82 11.46 5.50
C SER C 77 -7.75 10.51 6.08
N VAL C 78 -7.67 10.30 7.40
CA VAL C 78 -6.70 9.34 8.00
C VAL C 78 -6.86 8.00 7.27
N ARG C 79 -5.77 7.42 6.77
CA ARG C 79 -5.81 6.18 5.94
C ARG C 79 -6.34 5.06 6.83
N ARG C 80 -7.23 4.22 6.29
CA ARG C 80 -7.96 3.15 7.03
C ARG C 80 -7.33 1.77 6.76
N LYS C 81 -6.70 1.56 5.60
CA LYS C 81 -6.13 0.24 5.22
C LYS C 81 -4.60 0.27 5.30
N GLY C 82 -3.97 -0.84 5.70
CA GLY C 82 -2.51 -0.95 5.85
C GLY C 82 -2.02 -0.28 7.13
N LEU C 83 -0.75 -0.51 7.49
CA LEU C 83 -0.15 0.06 8.73
C LEU C 83 0.18 1.53 8.49
N THR C 84 -0.49 2.41 9.22
CA THR C 84 -0.21 3.87 9.22
C THR C 84 0.60 4.22 10.45
N PRO C 85 1.62 5.10 10.29
CA PRO C 85 2.23 5.77 11.45
C PRO C 85 1.16 6.53 12.26
N PHE C 86 1.29 6.46 13.59
CA PHE C 86 0.43 7.21 14.55
C PHE C 86 1.10 8.54 14.86
N THR C 87 0.93 9.51 13.96
CA THR C 87 1.64 10.81 14.00
C THR C 87 0.68 11.90 13.54
N PRO C 88 0.92 13.17 13.92
CA PRO C 88 0.20 14.31 13.35
C PRO C 88 0.25 14.36 11.80
N GLU C 89 1.40 14.02 11.18
CA GLU C 89 1.56 13.99 9.69
C GLU C 89 0.51 13.05 9.06
N GLU C 90 0.20 11.93 9.72
CA GLU C 90 -0.77 10.93 9.19
C GLU C 90 -2.20 11.18 9.71
N GLY C 91 -2.44 12.32 10.37
CA GLY C 91 -3.78 12.88 10.62
C GLY C 91 -4.35 12.49 11.99
N VAL C 92 -3.48 12.23 12.96
CA VAL C 92 -3.86 11.85 14.35
C VAL C 92 -3.20 12.82 15.34
N TRP C 93 -4.01 13.39 16.24
CA TRP C 93 -3.55 14.31 17.31
C TRP C 93 -4.04 13.76 18.65
N ALA C 94 -3.14 13.15 19.43
CA ALA C 94 -3.54 12.25 20.54
C ALA C 94 -2.57 12.27 21.71
N LEU C 95 -3.11 11.92 22.88
CA LEU C 95 -2.30 11.56 24.06
C LEU C 95 -2.20 10.04 24.09
N GLN C 96 -1.15 9.55 24.75
CA GLN C 96 -0.81 8.12 24.78
C GLN C 96 -0.22 7.75 26.15
N LEU C 97 -0.60 6.58 26.66
CA LEU C 97 0.06 5.95 27.83
C LEU C 97 0.84 4.76 27.32
N ASN C 98 2.16 4.79 27.53
CA ASN C 98 3.11 3.77 27.05
C ASN C 98 4.36 3.84 27.93
N GLY C 99 4.92 2.69 28.30
CA GLY C 99 6.13 2.60 29.14
C GLY C 99 5.95 3.26 30.49
N GLY C 100 4.75 3.12 31.08
CA GLY C 100 4.36 3.66 32.40
C GLY C 100 4.38 5.19 32.48
N GLN C 101 4.30 5.89 31.33
CA GLN C 101 4.45 7.37 31.22
C GLN C 101 3.40 7.92 30.24
N TYR C 102 2.96 9.16 30.44
CA TYR C 102 1.98 9.86 29.57
C TYR C 102 2.72 10.75 28.57
N TRP C 103 2.25 10.73 27.33
CA TRP C 103 2.84 11.46 26.18
C TRP C 103 1.72 12.14 25.39
N ALA C 104 2.04 13.30 24.84
CA ALA C 104 1.40 13.85 23.63
C ALA C 104 2.15 13.27 22.42
N VAL C 105 1.43 12.76 21.44
CA VAL C 105 2.11 12.03 20.33
C VAL C 105 2.48 13.03 19.22
N THR C 106 3.57 13.75 19.44
CA THR C 106 4.26 14.55 18.39
C THR C 106 5.21 13.60 17.65
N SER C 107 5.71 14.02 16.48
CA SER C 107 6.78 13.30 15.73
C SER C 107 7.73 14.32 15.13
N PRO C 108 9.02 13.97 14.90
CA PRO C 108 9.52 12.60 15.11
C PRO C 108 9.66 12.12 16.57
N GLU C 109 9.67 13.05 17.55
CA GLU C 109 9.79 12.74 19.01
C GLU C 109 8.47 13.05 19.72
N ARG C 110 8.06 12.17 20.63
CA ARG C 110 6.87 12.37 21.49
C ARG C 110 7.23 13.36 22.60
N SER C 111 6.22 14.10 23.10
CA SER C 111 6.34 15.16 24.14
C SER C 111 5.83 14.65 25.48
N PRO C 112 6.72 14.49 26.49
CA PRO C 112 6.29 14.01 27.80
C PRO C 112 5.26 14.94 28.44
N LEU C 113 4.33 14.37 29.19
CA LEU C 113 3.37 15.17 30.00
C LEU C 113 3.93 15.24 31.41
N SER C 114 3.41 16.15 32.24
CA SER C 114 3.75 16.29 33.68
C SER C 114 2.47 16.27 34.50
N CYS C 115 1.90 15.08 34.68
CA CYS C 115 0.64 14.85 35.42
C CYS C 115 0.81 13.63 36.32
N GLY C 116 -0.04 13.51 37.35
CA GLY C 116 -0.19 12.30 38.18
C GLY C 116 -0.94 11.21 37.42
N HIS C 117 -1.49 10.24 38.14
CA HIS C 117 -2.36 9.19 37.56
C HIS C 117 -3.57 9.86 36.90
N LEU C 118 -3.79 9.63 35.60
CA LEU C 118 -5.01 10.10 34.89
C LEU C 118 -6.09 9.03 35.00
N SER C 119 -7.31 9.47 35.29
CA SER C 119 -8.52 8.62 35.39
C SER C 119 -9.52 9.05 34.32
N ARG C 120 -9.69 10.36 34.15
CA ARG C 120 -10.61 10.91 33.15
C ARG C 120 -10.01 12.20 32.59
N VAL C 121 -10.14 12.39 31.28
CA VAL C 121 -9.50 13.50 30.52
C VAL C 121 -10.56 14.20 29.69
N ARG C 122 -10.72 15.52 29.89
CA ARG C 122 -11.61 16.31 29.01
C ARG C 122 -10.84 16.68 27.76
N VAL C 123 -11.41 16.34 26.60
CA VAL C 123 -10.90 16.75 25.26
C VAL C 123 -11.73 17.94 24.79
N ALA C 124 -11.09 19.04 24.41
CA ALA C 124 -11.76 20.25 23.90
C ALA C 124 -11.23 20.53 22.50
N LEU C 125 -12.12 20.48 21.50
CA LEU C 125 -11.78 20.73 20.06
C LEU C 125 -12.35 22.09 19.66
N ASP C 126 -11.48 22.99 19.19
CA ASP C 126 -11.85 24.36 18.74
C ASP C 126 -11.47 24.50 17.27
N LEU C 127 -12.44 24.35 16.36
CA LEU C 127 -12.20 24.39 14.90
C LEU C 127 -12.19 25.84 14.38
N GLU C 128 -12.47 26.84 15.24
CA GLU C 128 -12.43 28.27 14.89
C GLU C 128 -10.98 28.75 14.97
N VAL C 129 -10.33 28.56 16.13
CA VAL C 129 -8.91 28.95 16.37
C VAL C 129 -7.97 27.85 15.84
N GLY C 130 -8.48 26.61 15.71
CA GLY C 130 -7.72 25.45 15.18
C GLY C 130 -6.85 24.81 16.25
N ALA C 131 -7.48 24.16 17.24
CA ALA C 131 -6.78 23.56 18.39
C ALA C 131 -7.55 22.37 18.97
N VAL C 132 -6.79 21.42 19.51
CA VAL C 132 -7.29 20.34 20.40
C VAL C 132 -6.48 20.41 21.70
N SER C 133 -7.20 20.46 22.84
CA SER C 133 -6.64 20.60 24.19
C SER C 133 -7.15 19.45 25.08
N PHE C 134 -6.34 19.07 26.04
CA PHE C 134 -6.58 17.91 26.94
C PHE C 134 -6.43 18.46 28.36
N TYR C 135 -7.42 18.15 29.21
CA TYR C 135 -7.45 18.55 30.64
C TYR C 135 -7.70 17.32 31.52
N ALA C 136 -6.97 17.19 32.64
CA ALA C 136 -7.28 16.26 33.74
C ALA C 136 -8.54 16.77 34.46
N VAL C 137 -9.61 15.96 34.48
CA VAL C 137 -10.99 16.34 34.92
C VAL C 137 -11.00 16.75 36.41
N GLU C 138 -10.26 16.07 37.28
CA GLU C 138 -10.22 16.30 38.76
C GLU C 138 -10.33 17.80 39.08
N ASP C 139 -9.49 18.63 38.44
CA ASP C 139 -9.45 20.10 38.69
C ASP C 139 -9.17 20.87 37.39
N MET C 140 -9.55 20.28 36.25
CA MET C 140 -9.34 20.80 34.87
C MET C 140 -7.94 21.38 34.70
N ARG C 141 -6.90 20.74 35.27
CA ARG C 141 -5.50 21.19 35.03
C ARG C 141 -5.14 20.79 33.58
N HIS C 142 -4.55 21.75 32.86
CA HIS C 142 -4.15 21.66 31.44
C HIS C 142 -3.05 20.61 31.31
N LEU C 143 -3.21 19.72 30.33
CA LEU C 143 -2.20 18.67 30.05
C LEU C 143 -1.44 19.05 28.79
N TYR C 144 -2.12 19.44 27.71
CA TYR C 144 -1.50 19.64 26.38
C TYR C 144 -2.48 20.28 25.38
N THR C 145 -1.97 21.10 24.48
CA THR C 145 -2.71 21.67 23.31
C THR C 145 -1.91 21.40 22.03
N PHE C 146 -2.55 20.81 21.03
CA PHE C 146 -2.09 20.83 19.63
C PHE C 146 -2.81 21.99 18.94
N ARG C 147 -2.03 22.89 18.32
CA ARG C 147 -2.57 23.91 17.38
C ARG C 147 -2.43 23.32 15.98
N VAL C 148 -3.55 23.26 15.27
CA VAL C 148 -3.64 22.64 13.93
C VAL C 148 -4.58 23.48 13.09
N ASN C 149 -4.14 23.83 11.88
CA ASN C 149 -5.03 24.40 10.85
C ASN C 149 -5.80 23.24 10.24
N PHE C 150 -6.91 22.85 10.87
CA PHE C 150 -7.81 21.75 10.43
C PHE C 150 -8.55 22.19 9.16
N GLN C 151 -8.31 21.48 8.05
CA GLN C 151 -8.85 21.85 6.72
C GLN C 151 -9.87 20.81 6.27
N GLU C 152 -10.41 20.01 7.20
CA GLU C 152 -11.47 19.01 6.89
C GLU C 152 -12.15 18.57 8.18
N ARG C 153 -13.21 17.78 8.06
CA ARG C 153 -13.99 17.23 9.20
C ARG C 153 -13.06 16.45 10.12
N VAL C 154 -13.21 16.67 11.42
CA VAL C 154 -12.35 16.09 12.49
C VAL C 154 -13.22 15.19 13.37
N PHE C 155 -12.74 13.96 13.62
CA PHE C 155 -13.50 12.91 14.35
C PHE C 155 -12.76 12.56 15.63
N PRO C 156 -13.48 12.42 16.77
CA PRO C 156 -12.88 11.87 17.99
C PRO C 156 -12.27 10.50 17.70
N LEU C 157 -11.07 10.28 18.22
CA LEU C 157 -10.20 9.11 17.90
C LEU C 157 -9.90 8.34 19.19
N PHE C 158 -9.95 7.02 19.09
CA PHE C 158 -9.69 6.08 20.19
C PHE C 158 -8.87 4.93 19.63
N SER C 159 -7.84 4.52 20.36
CA SER C 159 -6.98 3.36 19.96
C SER C 159 -6.54 2.57 21.18
N VAL C 160 -6.55 1.24 21.07
CA VAL C 160 -6.14 0.33 22.18
C VAL C 160 -5.40 -0.84 21.55
N CYS C 161 -4.08 -0.93 21.78
CA CYS C 161 -3.21 -1.94 21.13
C CYS C 161 -2.76 -2.99 22.16
N SER C 162 -3.42 -3.05 23.30
CA SER C 162 -3.12 -4.07 24.33
C SER C 162 -4.40 -4.53 25.03
N THR C 163 -4.53 -5.84 25.27
CA THR C 163 -5.54 -6.41 26.20
C THR C 163 -5.23 -5.82 27.58
N GLY C 164 -6.22 -5.71 28.45
CA GLY C 164 -5.93 -5.20 29.82
C GLY C 164 -5.67 -3.69 29.88
N THR C 165 -6.05 -2.91 28.86
CA THR C 165 -6.35 -1.47 29.01
C THR C 165 -7.63 -1.13 28.24
N TYR C 166 -8.10 0.10 28.35
CA TYR C 166 -9.38 0.52 27.74
C TYR C 166 -9.48 2.05 27.73
N LEU C 167 -10.43 2.51 26.91
CA LEU C 167 -10.98 3.88 26.84
C LEU C 167 -12.50 3.80 26.94
N ARG C 168 -13.13 4.88 27.40
CA ARG C 168 -14.59 4.95 27.55
C ARG C 168 -15.06 6.42 27.57
N ILE C 169 -15.93 6.74 26.64
CA ILE C 169 -16.53 8.10 26.50
C ILE C 169 -17.40 8.38 27.73
N TRP C 170 -17.44 9.64 28.15
CA TRP C 170 -18.48 10.27 29.01
C TRP C 170 -18.84 11.64 28.44
N PRO C 171 -20.10 12.10 28.53
CA PRO C 171 -21.14 11.38 29.27
C PRO C 171 -21.67 10.15 28.51
N MET D 1 -36.45 -3.69 -13.25
CA MET D 1 -35.09 -3.07 -13.26
C MET D 1 -34.92 -2.21 -12.02
N VAL D 2 -33.75 -2.26 -11.39
CA VAL D 2 -33.42 -1.46 -10.18
C VAL D 2 -33.11 0.00 -10.58
N GLU D 3 -33.25 1.08 -10.36
CA GLU D 3 -33.15 2.56 -10.16
C GLU D 3 -31.90 2.84 -9.31
N LEU D 4 -31.01 3.05 -9.89
CA LEU D 4 -29.70 3.34 -9.26
C LEU D 4 -29.39 4.83 -9.38
N THR D 5 -28.60 5.34 -8.45
CA THR D 5 -27.93 6.65 -8.59
C THR D 5 -26.44 6.48 -8.21
N LEU D 6 -25.59 7.27 -8.85
CA LEU D 6 -24.13 7.26 -8.58
C LEU D 6 -23.92 7.88 -7.20
N ASP D 7 -23.03 7.28 -6.42
CA ASP D 7 -22.67 7.70 -5.04
C ASP D 7 -21.60 8.77 -5.13
N PRO D 8 -21.92 10.07 -4.92
CA PRO D 8 -20.96 11.14 -5.11
C PRO D 8 -19.79 11.05 -4.12
N ASP D 9 -19.96 10.31 -3.02
CA ASP D 9 -18.92 10.14 -1.96
C ASP D 9 -17.81 9.21 -2.44
N THR D 10 -18.12 8.29 -3.37
CA THR D 10 -17.16 7.28 -3.90
C THR D 10 -16.39 7.86 -5.09
N ALA D 11 -16.90 8.90 -5.77
CA ALA D 11 -16.41 9.33 -7.09
C ALA D 11 -15.01 9.94 -7.01
N ASN D 12 -14.08 9.45 -7.82
CA ASN D 12 -12.77 10.09 -8.07
C ASN D 12 -13.03 11.58 -8.37
N PRO D 13 -12.26 12.52 -7.75
CA PRO D 13 -12.47 13.96 -7.96
C PRO D 13 -12.35 14.47 -9.41
N ARG D 14 -11.73 13.70 -10.33
CA ARG D 14 -11.56 14.08 -11.76
C ARG D 14 -12.87 13.84 -12.52
N LEU D 15 -13.74 12.96 -12.03
CA LEU D 15 -15.03 12.63 -12.69
C LEU D 15 -15.98 13.81 -12.54
N ILE D 16 -16.83 14.01 -13.53
CA ILE D 16 -18.02 14.90 -13.44
C ILE D 16 -19.28 14.01 -13.42
N LEU D 17 -19.98 14.02 -12.28
CA LEU D 17 -21.28 13.34 -12.15
C LEU D 17 -22.37 14.35 -12.52
N SER D 18 -23.39 13.89 -13.24
CA SER D 18 -24.59 14.68 -13.58
C SER D 18 -25.33 15.02 -12.27
N LEU D 19 -26.11 16.11 -12.30
CA LEU D 19 -26.86 16.62 -11.13
C LEU D 19 -27.90 15.56 -10.69
N ASP D 20 -28.49 14.83 -11.64
CA ASP D 20 -29.47 13.72 -11.39
C ASP D 20 -28.73 12.42 -11.02
N LEU D 21 -27.39 12.44 -10.96
CA LEU D 21 -26.51 11.32 -10.51
C LEU D 21 -26.74 10.08 -11.38
N LYS D 22 -26.98 10.26 -12.69
CA LYS D 22 -27.18 9.16 -13.66
C LYS D 22 -25.97 9.03 -14.59
N GLY D 23 -25.28 10.14 -14.83
CA GLY D 23 -24.27 10.27 -15.89
C GLY D 23 -22.89 10.52 -15.31
N VAL D 24 -21.86 9.98 -15.95
CA VAL D 24 -20.47 10.19 -15.47
C VAL D 24 -19.57 10.36 -16.70
N ARG D 25 -18.62 11.28 -16.60
CA ARG D 25 -17.50 11.38 -17.56
C ARG D 25 -16.27 11.87 -16.82
N LEU D 26 -15.11 11.80 -17.47
CA LEU D 26 -13.85 12.34 -16.92
C LEU D 26 -13.77 13.82 -17.28
N GLY D 27 -13.64 14.67 -16.27
CA GLY D 27 -13.44 16.12 -16.41
C GLY D 27 -11.99 16.47 -16.65
N GLU D 28 -11.74 17.73 -17.04
CA GLU D 28 -10.38 18.27 -17.29
C GLU D 28 -9.63 18.41 -15.97
N ARG D 29 -10.31 18.83 -14.89
CA ARG D 29 -9.65 19.19 -13.60
C ARG D 29 -10.17 18.31 -12.47
N ALA D 30 -9.37 18.23 -11.39
CA ALA D 30 -9.75 17.60 -10.10
C ALA D 30 -10.48 18.62 -9.23
N GLN D 31 -11.65 18.24 -8.71
CA GLN D 31 -12.51 19.09 -7.85
C GLN D 31 -12.00 19.01 -6.42
N ASP D 32 -12.32 20.02 -5.61
CA ASP D 32 -12.03 20.09 -4.15
C ASP D 32 -13.17 19.39 -3.42
N LEU D 33 -13.07 18.07 -3.21
CA LEU D 33 -14.13 17.28 -2.55
C LEU D 33 -13.66 16.86 -1.16
N PRO D 34 -14.58 16.57 -0.21
CA PRO D 34 -14.20 15.98 1.07
C PRO D 34 -13.59 14.58 0.83
N ASN D 35 -12.50 14.28 1.53
CA ASN D 35 -11.72 13.03 1.36
C ASN D 35 -12.31 11.93 2.24
N HIS D 36 -13.52 11.49 1.91
CA HIS D 36 -14.15 10.30 2.54
C HIS D 36 -13.30 9.07 2.26
N PRO D 37 -13.18 8.13 3.22
CA PRO D 37 -12.48 6.87 2.99
C PRO D 37 -13.09 6.03 1.85
N CYS D 38 -14.39 6.19 1.58
CA CYS D 38 -15.05 5.47 0.46
C CYS D 38 -14.59 6.03 -0.90
N ARG D 39 -13.96 7.21 -0.95
CA ARG D 39 -13.70 7.89 -2.24
C ARG D 39 -12.47 7.28 -2.91
N PHE D 40 -12.59 6.89 -4.19
CA PHE D 40 -11.45 6.43 -5.03
C PHE D 40 -10.54 7.64 -5.30
N ASP D 41 -9.28 7.63 -4.81
CA ASP D 41 -8.40 8.84 -4.89
C ASP D 41 -7.48 8.77 -6.12
N THR D 42 -7.38 7.65 -6.83
CA THR D 42 -6.45 7.53 -7.97
C THR D 42 -7.15 6.86 -9.16
N ASN D 43 -7.73 5.68 -8.97
CA ASN D 43 -8.52 5.05 -10.07
C ASN D 43 -9.76 5.92 -10.34
N THR D 44 -10.17 6.02 -11.60
CA THR D 44 -11.24 6.94 -12.08
C THR D 44 -12.59 6.26 -11.90
N ARG D 45 -12.92 5.85 -10.68
CA ARG D 45 -14.09 4.99 -10.43
C ARG D 45 -15.17 5.74 -9.63
N VAL D 46 -16.38 5.24 -9.72
CA VAL D 46 -17.55 5.66 -8.89
C VAL D 46 -18.50 4.46 -8.81
N LEU D 47 -19.09 4.22 -7.65
CA LEU D 47 -20.10 3.16 -7.46
C LEU D 47 -21.48 3.81 -7.40
N ALA D 48 -22.51 3.03 -7.66
CA ALA D 48 -23.88 3.37 -7.26
C ALA D 48 -23.94 3.38 -5.73
N SER D 49 -24.92 4.11 -5.17
CA SER D 49 -25.18 4.28 -3.72
C SER D 49 -25.77 2.98 -3.14
N CYS D 50 -26.40 2.17 -3.98
CA CYS D 50 -27.11 0.93 -3.61
C CYS D 50 -26.24 -0.29 -3.92
N GLY D 51 -25.92 -1.09 -2.90
CA GLY D 51 -25.21 -2.38 -3.01
C GLY D 51 -26.16 -3.52 -2.72
N PHE D 52 -25.88 -4.71 -3.24
CA PHE D 52 -26.75 -5.90 -3.12
C PHE D 52 -26.04 -7.02 -2.38
N SER D 53 -26.76 -7.69 -1.48
CA SER D 53 -26.28 -8.84 -0.67
C SER D 53 -26.93 -10.14 -1.13
N SER D 54 -28.08 -10.08 -1.78
CA SER D 54 -28.83 -11.28 -2.24
C SER D 54 -29.68 -10.95 -3.46
N GLY D 55 -30.33 -11.96 -4.02
CA GLY D 55 -31.38 -11.82 -5.05
C GLY D 55 -30.82 -11.63 -6.45
N ARG D 56 -31.73 -11.41 -7.39
CA ARG D 56 -31.45 -11.10 -8.81
C ARG D 56 -31.77 -9.61 -9.01
N HIS D 57 -30.86 -8.89 -9.67
CA HIS D 57 -31.04 -7.44 -9.97
C HIS D 57 -30.46 -7.14 -11.36
N HIS D 58 -31.13 -6.28 -12.13
CA HIS D 58 -30.58 -5.81 -13.42
C HIS D 58 -30.86 -4.32 -13.65
N TRP D 59 -29.99 -3.74 -14.46
CA TRP D 59 -29.98 -2.30 -14.82
C TRP D 59 -29.32 -2.19 -16.18
N GLU D 60 -29.37 -1.00 -16.76
CA GLU D 60 -28.83 -0.78 -18.11
C GLU D 60 -27.91 0.42 -18.05
N VAL D 61 -26.96 0.46 -18.99
CA VAL D 61 -25.89 1.48 -19.08
C VAL D 61 -25.79 1.90 -20.54
N GLU D 62 -26.05 3.18 -20.81
CA GLU D 62 -25.79 3.83 -22.10
C GLU D 62 -24.30 4.14 -22.12
N VAL D 63 -23.62 3.90 -23.22
CA VAL D 63 -22.13 3.97 -23.29
C VAL D 63 -21.71 4.91 -24.43
N GLY D 64 -20.69 5.73 -24.19
CA GLY D 64 -20.04 6.55 -25.24
C GLY D 64 -19.41 5.69 -26.33
N SER D 65 -19.16 6.25 -27.52
CA SER D 65 -18.60 5.48 -28.66
C SER D 65 -17.06 5.48 -28.62
N LYS D 66 -16.44 6.34 -27.80
CA LYS D 66 -14.96 6.45 -27.77
C LYS D 66 -14.36 5.76 -26.54
N ASP D 67 -13.08 5.43 -26.64
CA ASP D 67 -12.30 4.69 -25.62
C ASP D 67 -12.37 5.39 -24.27
N GLY D 68 -12.30 4.62 -23.18
CA GLY D 68 -11.98 5.14 -21.85
C GLY D 68 -12.90 4.60 -20.76
N TRP D 69 -14.00 3.94 -21.12
CA TRP D 69 -14.99 3.51 -20.11
C TRP D 69 -14.84 2.03 -19.77
N ALA D 70 -15.28 1.70 -18.55
CA ALA D 70 -15.39 0.33 -18.03
C ALA D 70 -16.50 0.34 -16.98
N PHE D 71 -17.27 -0.73 -16.91
CA PHE D 71 -18.42 -0.79 -15.96
C PHE D 71 -18.81 -2.24 -15.75
N GLY D 72 -19.47 -2.46 -14.62
CA GLY D 72 -20.05 -3.76 -14.26
C GLY D 72 -20.34 -3.79 -12.79
N VAL D 73 -19.59 -4.60 -12.01
CA VAL D 73 -19.76 -4.63 -10.53
C VAL D 73 -18.42 -4.70 -9.81
N ALA D 74 -18.43 -4.33 -8.53
CA ALA D 74 -17.26 -4.39 -7.64
C ALA D 74 -17.71 -4.84 -6.25
N ARG D 75 -16.88 -5.63 -5.57
CA ARG D 75 -17.11 -5.98 -4.16
C ARG D 75 -16.80 -4.74 -3.31
N GLU D 76 -17.53 -4.57 -2.22
CA GLU D 76 -17.41 -3.37 -1.37
C GLU D 76 -15.96 -3.15 -0.92
N SER D 77 -15.20 -4.22 -0.68
CA SER D 77 -13.82 -4.15 -0.10
C SER D 77 -12.83 -3.64 -1.15
N VAL D 78 -13.23 -3.48 -2.41
CA VAL D 78 -12.31 -2.94 -3.44
C VAL D 78 -11.59 -1.74 -2.79
N ARG D 79 -10.26 -1.69 -2.88
CA ARG D 79 -9.43 -0.64 -2.21
C ARG D 79 -9.72 0.71 -2.87
N ARG D 80 -9.94 1.73 -2.04
CA ARG D 80 -10.29 3.09 -2.49
C ARG D 80 -9.03 3.93 -2.65
N LYS D 81 -7.97 3.67 -1.87
CA LYS D 81 -6.79 4.57 -1.79
C LYS D 81 -5.64 3.92 -2.56
N GLY D 82 -4.93 4.73 -3.35
CA GLY D 82 -3.80 4.30 -4.19
C GLY D 82 -4.28 3.65 -5.47
N LEU D 83 -3.38 3.42 -6.42
CA LEU D 83 -3.69 2.70 -7.67
C LEU D 83 -3.94 1.23 -7.36
N THR D 84 -5.07 0.70 -7.81
CA THR D 84 -5.42 -0.75 -7.77
C THR D 84 -5.41 -1.26 -9.21
N PRO D 85 -4.99 -2.52 -9.46
CA PRO D 85 -5.27 -3.17 -10.73
C PRO D 85 -6.78 -3.27 -10.96
N PHE D 86 -7.21 -3.04 -12.20
CA PHE D 86 -8.60 -3.21 -12.68
C PHE D 86 -8.78 -4.66 -13.13
N THR D 87 -8.90 -5.58 -12.16
CA THR D 87 -8.98 -7.07 -12.37
C THR D 87 -9.99 -7.69 -11.41
N PRO D 88 -10.57 -8.87 -11.77
CA PRO D 88 -11.35 -9.71 -10.87
C PRO D 88 -10.70 -10.03 -9.50
N GLU D 89 -9.40 -10.36 -9.46
CA GLU D 89 -8.65 -10.57 -8.19
C GLU D 89 -8.86 -9.35 -7.28
N GLU D 90 -8.70 -8.14 -7.81
CA GLU D 90 -8.79 -6.87 -7.05
C GLU D 90 -10.24 -6.37 -6.91
N GLY D 91 -11.23 -7.20 -7.23
CA GLY D 91 -12.64 -7.00 -6.81
C GLY D 91 -13.49 -6.24 -7.84
N VAL D 92 -13.16 -6.38 -9.12
CA VAL D 92 -13.84 -5.70 -10.25
C VAL D 92 -14.16 -6.71 -11.36
N TRP D 93 -15.42 -6.76 -11.79
CA TRP D 93 -15.94 -7.61 -12.89
C TRP D 93 -16.68 -6.71 -13.87
N ALA D 94 -16.08 -6.48 -15.04
CA ALA D 94 -16.46 -5.35 -15.92
C ALA D 94 -16.15 -5.64 -17.38
N LEU D 95 -16.90 -4.96 -18.25
CA LEU D 95 -16.59 -4.82 -19.70
C LEU D 95 -15.90 -3.48 -19.87
N GLN D 96 -15.17 -3.34 -20.98
CA GLN D 96 -14.27 -2.18 -21.19
C GLN D 96 -14.18 -1.90 -22.69
N LEU D 97 -14.14 -0.62 -23.05
CA LEU D 97 -13.81 -0.12 -24.42
C LEU D 97 -12.44 0.56 -24.36
N ASN D 98 -11.44 -0.04 -25.02
CA ASN D 98 -10.04 0.43 -25.10
C ASN D 98 -9.46 -0.02 -26.45
N GLY D 99 -8.78 0.89 -27.18
CA GLY D 99 -8.21 0.65 -28.52
C GLY D 99 -9.25 0.32 -29.58
N GLY D 100 -10.46 0.91 -29.51
CA GLY D 100 -11.54 0.69 -30.49
C GLY D 100 -12.17 -0.69 -30.39
N GLN D 101 -11.83 -1.47 -29.35
CA GLN D 101 -12.18 -2.91 -29.17
C GLN D 101 -12.86 -3.08 -27.80
N TYR D 102 -13.99 -3.79 -27.75
CA TYR D 102 -14.70 -4.13 -26.50
C TYR D 102 -14.03 -5.35 -25.89
N TRP D 103 -13.81 -5.30 -24.58
CA TRP D 103 -13.14 -6.34 -23.75
C TRP D 103 -14.07 -6.72 -22.58
N ALA D 104 -14.13 -8.01 -22.26
CA ALA D 104 -14.42 -8.46 -20.88
C ALA D 104 -13.07 -8.46 -20.16
N VAL D 105 -12.98 -7.79 -19.01
CA VAL D 105 -11.70 -7.61 -18.28
C VAL D 105 -11.44 -8.86 -17.42
N THR D 106 -11.04 -9.94 -18.07
CA THR D 106 -10.49 -11.17 -17.45
C THR D 106 -9.02 -10.92 -17.11
N SER D 107 -8.45 -11.83 -16.32
CA SER D 107 -7.03 -11.82 -15.89
C SER D 107 -6.48 -13.23 -16.06
N PRO D 108 -5.17 -13.41 -16.36
CA PRO D 108 -4.23 -12.29 -16.53
C PRO D 108 -4.34 -11.51 -17.85
N GLU D 109 -5.07 -12.04 -18.84
CA GLU D 109 -5.30 -11.40 -20.17
C GLU D 109 -6.78 -11.01 -20.26
N ARG D 110 -7.07 -9.84 -20.82
CA ARG D 110 -8.47 -9.41 -21.13
C ARG D 110 -9.01 -10.25 -22.28
N SER D 111 -10.32 -10.50 -22.32
CA SER D 111 -10.98 -11.33 -23.34
C SER D 111 -11.65 -10.46 -24.40
N PRO D 112 -11.16 -10.48 -25.66
CA PRO D 112 -11.69 -9.60 -26.69
C PRO D 112 -13.11 -10.07 -27.03
N LEU D 113 -14.10 -9.21 -26.86
CA LEU D 113 -15.46 -9.45 -27.39
C LEU D 113 -15.38 -9.15 -28.89
N SER D 114 -15.81 -10.08 -29.73
CA SER D 114 -15.98 -9.81 -31.17
C SER D 114 -17.48 -9.57 -31.37
N CYS D 115 -17.95 -8.42 -30.85
CA CYS D 115 -19.34 -7.93 -31.03
C CYS D 115 -19.27 -6.63 -31.84
N GLY D 116 -20.41 -6.22 -32.40
CA GLY D 116 -20.54 -4.93 -33.09
C GLY D 116 -20.59 -3.77 -32.10
N HIS D 117 -20.83 -2.57 -32.62
CA HIS D 117 -20.93 -1.31 -31.86
C HIS D 117 -22.01 -1.40 -30.77
N LEU D 118 -21.69 -0.99 -29.55
CA LEU D 118 -22.61 -1.02 -28.37
C LEU D 118 -23.13 0.39 -28.08
N SER D 119 -24.43 0.53 -27.87
CA SER D 119 -25.13 1.78 -27.49
C SER D 119 -25.65 1.68 -26.05
N ARG D 120 -26.36 0.60 -25.77
CA ARG D 120 -26.95 0.37 -24.43
C ARG D 120 -26.69 -1.09 -24.03
N VAL D 121 -26.21 -1.31 -22.82
CA VAL D 121 -25.87 -2.66 -22.32
C VAL D 121 -26.70 -2.94 -21.05
N ARG D 122 -27.32 -4.11 -20.99
CA ARG D 122 -28.00 -4.61 -19.77
C ARG D 122 -27.02 -5.43 -18.94
N VAL D 123 -26.93 -5.08 -17.65
CA VAL D 123 -26.14 -5.81 -16.62
C VAL D 123 -27.14 -6.60 -15.77
N ALA D 124 -26.94 -7.92 -15.68
CA ALA D 124 -27.75 -8.85 -14.84
C ALA D 124 -26.87 -9.44 -13.74
N LEU D 125 -27.14 -9.06 -12.49
CA LEU D 125 -26.42 -9.57 -11.29
C LEU D 125 -27.28 -10.64 -10.63
N ASP D 126 -26.73 -11.86 -10.43
CA ASP D 126 -27.41 -12.99 -9.75
C ASP D 126 -26.51 -13.48 -8.60
N LEU D 127 -26.83 -13.08 -7.36
CA LEU D 127 -26.02 -13.42 -6.16
C LEU D 127 -26.42 -14.78 -5.58
N GLU D 128 -27.51 -15.38 -6.10
CA GLU D 128 -27.97 -16.75 -5.70
C GLU D 128 -27.06 -17.78 -6.36
N VAL D 129 -26.96 -17.75 -7.69
CA VAL D 129 -26.05 -18.62 -8.49
C VAL D 129 -24.61 -18.06 -8.47
N GLY D 130 -24.40 -16.76 -8.23
CA GLY D 130 -23.06 -16.13 -8.27
C GLY D 130 -22.60 -15.84 -9.70
N ALA D 131 -23.25 -14.88 -10.38
CA ALA D 131 -22.94 -14.52 -11.78
C ALA D 131 -23.21 -13.05 -12.03
N VAL D 132 -22.45 -12.48 -12.97
CA VAL D 132 -22.75 -11.16 -13.56
C VAL D 132 -22.62 -11.28 -15.09
N SER D 133 -23.70 -10.94 -15.78
CA SER D 133 -23.87 -11.12 -17.25
C SER D 133 -24.14 -9.76 -17.91
N PHE D 134 -23.65 -9.60 -19.13
CA PHE D 134 -23.77 -8.38 -19.95
C PHE D 134 -24.40 -8.73 -21.29
N TYR D 135 -25.45 -7.98 -21.65
CA TYR D 135 -26.24 -8.14 -22.89
C TYR D 135 -26.30 -6.79 -23.64
N ALA D 136 -26.06 -6.81 -24.96
CA ALA D 136 -26.37 -5.68 -25.87
C ALA D 136 -27.89 -5.63 -25.99
N VAL D 137 -28.50 -4.51 -25.64
CA VAL D 137 -29.97 -4.38 -25.41
C VAL D 137 -30.75 -4.60 -26.71
N GLU D 138 -30.20 -4.22 -27.87
CA GLU D 138 -30.95 -4.11 -29.16
C GLU D 138 -31.74 -5.41 -29.42
N ASP D 139 -31.12 -6.58 -29.23
CA ASP D 139 -31.81 -7.89 -29.41
C ASP D 139 -31.28 -8.89 -28.38
N MET D 140 -30.97 -8.39 -27.19
CA MET D 140 -30.45 -9.16 -26.02
C MET D 140 -29.40 -10.19 -26.48
N ARG D 141 -28.38 -9.76 -27.24
CA ARG D 141 -27.23 -10.67 -27.55
C ARG D 141 -26.30 -10.69 -26.32
N HIS D 142 -26.15 -11.85 -25.71
CA HIS D 142 -25.16 -12.12 -24.64
C HIS D 142 -23.78 -11.65 -25.09
N LEU D 143 -23.10 -10.86 -24.25
CA LEU D 143 -21.73 -10.34 -24.50
C LEU D 143 -20.71 -11.13 -23.68
N TYR D 144 -20.93 -11.25 -22.38
CA TYR D 144 -20.05 -11.99 -21.45
C TYR D 144 -20.77 -12.29 -20.13
N THR D 145 -20.37 -13.38 -19.49
CA THR D 145 -20.76 -13.75 -18.12
C THR D 145 -19.50 -14.08 -17.32
N PHE D 146 -19.32 -13.43 -16.16
CA PHE D 146 -18.40 -13.87 -15.08
C PHE D 146 -19.17 -14.77 -14.11
N ARG D 147 -18.63 -15.94 -13.77
CA ARG D 147 -19.11 -16.72 -12.60
C ARG D 147 -18.22 -16.39 -11.40
N VAL D 148 -18.84 -15.89 -10.32
CA VAL D 148 -18.10 -15.44 -9.10
C VAL D 148 -18.87 -15.91 -7.88
N ASN D 149 -18.18 -16.52 -6.94
CA ASN D 149 -18.74 -16.81 -5.60
C ASN D 149 -18.60 -15.53 -4.76
N PHE D 150 -19.53 -14.59 -4.92
CA PHE D 150 -19.53 -13.30 -4.17
C PHE D 150 -19.74 -13.59 -2.68
N GLN D 151 -18.85 -13.05 -1.84
CA GLN D 151 -18.84 -13.35 -0.38
C GLN D 151 -19.11 -12.08 0.43
N GLU D 152 -19.56 -11.00 -0.21
CA GLU D 152 -19.84 -9.70 0.44
C GLU D 152 -20.79 -8.90 -0.44
N ARG D 153 -21.15 -7.70 0.01
CA ARG D 153 -22.01 -6.75 -0.73
C ARG D 153 -21.36 -6.41 -2.09
N VAL D 154 -22.17 -6.47 -3.15
CA VAL D 154 -21.73 -6.11 -4.53
C VAL D 154 -22.42 -4.82 -5.02
N PHE D 155 -21.62 -3.86 -5.49
CA PHE D 155 -22.03 -2.51 -5.97
C PHE D 155 -21.89 -2.41 -7.49
N PRO D 156 -22.87 -1.81 -8.22
CA PRO D 156 -22.63 -1.37 -9.58
C PRO D 156 -21.41 -0.43 -9.69
N LEU D 157 -20.56 -0.67 -10.69
CA LEU D 157 -19.24 -0.04 -10.86
C LEU D 157 -19.20 0.65 -12.22
N PHE D 158 -18.71 1.89 -12.23
CA PHE D 158 -18.55 2.74 -13.41
C PHE D 158 -17.16 3.36 -13.36
N SER D 159 -16.50 3.45 -14.50
CA SER D 159 -15.14 4.01 -14.60
C SER D 159 -14.94 4.66 -15.96
N VAL D 160 -14.31 5.84 -15.96
CA VAL D 160 -13.98 6.59 -17.19
C VAL D 160 -12.58 7.20 -17.00
N CYS D 161 -11.60 6.71 -17.73
CA CYS D 161 -10.18 7.07 -17.52
C CYS D 161 -9.71 7.96 -18.67
N SER D 162 -10.61 8.37 -19.54
CA SER D 162 -10.25 9.23 -20.71
C SER D 162 -11.41 10.19 -21.04
N THR D 163 -11.06 11.45 -21.32
CA THR D 163 -12.02 12.50 -21.77
C THR D 163 -12.61 12.02 -23.08
N GLY D 164 -13.80 12.50 -23.43
CA GLY D 164 -14.42 12.29 -24.75
C GLY D 164 -15.35 11.09 -24.77
N THR D 165 -15.65 10.49 -23.62
CA THR D 165 -16.65 9.39 -23.51
C THR D 165 -17.41 9.53 -22.20
N TYR D 166 -18.39 8.66 -22.01
CA TYR D 166 -19.31 8.75 -20.84
C TYR D 166 -19.99 7.41 -20.60
N LEU D 167 -20.65 7.33 -19.45
CA LEU D 167 -21.60 6.28 -19.07
C LEU D 167 -22.82 6.96 -18.45
N ARG D 168 -24.00 6.41 -18.71
CA ARG D 168 -25.26 6.91 -18.14
C ARG D 168 -26.15 5.72 -17.73
N ILE D 169 -26.62 5.74 -16.50
CA ILE D 169 -27.52 4.69 -15.95
C ILE D 169 -28.92 4.87 -16.52
N TRP D 170 -29.58 3.77 -16.87
CA TRP D 170 -31.03 3.66 -17.18
C TRP D 170 -31.61 2.54 -16.30
N PRO D 171 -32.87 2.63 -15.83
CA PRO D 171 -33.70 3.84 -15.97
C PRO D 171 -33.33 4.91 -14.92
N GLY E 1 -0.02 -11.27 22.42
CA GLY E 1 -0.27 -9.84 22.08
C GLY E 1 -0.07 -9.56 20.60
N LEU E 2 -0.33 -8.33 20.17
CA LEU E 2 -0.35 -7.97 18.73
C LEU E 2 1.05 -7.94 18.10
N SER E 3 2.15 -8.03 18.86
CA SER E 3 3.53 -8.23 18.32
C SER E 3 3.54 -9.29 17.21
N MET E 4 2.79 -10.38 17.36
CA MET E 4 2.86 -11.49 16.37
C MET E 4 2.37 -11.01 15.00
N LEU E 5 1.64 -9.90 14.86
CA LEU E 5 1.19 -9.41 13.53
C LEU E 5 2.40 -8.90 12.73
N LEU E 6 3.54 -8.67 13.40
CA LEU E 6 4.77 -8.17 12.76
C LEU E 6 5.70 -9.32 12.36
N GLN E 7 5.32 -10.56 12.64
CA GLN E 7 6.02 -11.78 12.15
C GLN E 7 6.29 -11.60 10.64
N GLY F 1 -3.04 13.92 -21.05
CA GLY F 1 -3.89 12.91 -20.35
C GLY F 1 -3.21 12.37 -19.10
N LEU F 2 -3.83 11.38 -18.45
CA LEU F 2 -3.45 10.88 -17.10
C LEU F 2 -2.28 9.86 -17.16
N SER F 3 -1.72 9.59 -18.35
CA SER F 3 -0.54 8.70 -18.56
C SER F 3 0.70 9.28 -17.86
N MET F 4 0.73 10.59 -17.70
CA MET F 4 1.79 11.36 -17.01
C MET F 4 1.92 10.86 -15.55
N LEU F 5 0.83 10.42 -14.93
CA LEU F 5 0.81 9.94 -13.51
C LEU F 5 1.68 8.67 -13.37
N LEU F 6 1.92 7.93 -14.47
CA LEU F 6 2.78 6.72 -14.48
C LEU F 6 4.28 7.07 -14.55
N GLN F 7 4.66 8.33 -14.71
CA GLN F 7 6.08 8.77 -14.72
C GLN F 7 6.76 8.32 -13.41
N GLY G 1 5.89 -4.59 23.65
CA GLY G 1 7.06 -4.04 22.89
C GLY G 1 6.62 -3.51 21.53
N LEU G 2 6.59 -4.39 20.52
CA LEU G 2 6.24 -4.04 19.11
C LEU G 2 4.74 -3.77 18.93
N SER G 3 3.91 -4.14 19.89
CA SER G 3 2.44 -3.96 19.86
C SER G 3 2.10 -2.48 19.60
N MET G 4 2.87 -1.54 20.16
CA MET G 4 2.60 -0.08 20.07
C MET G 4 2.61 0.41 18.61
N LEU G 5 3.27 -0.30 17.70
CA LEU G 5 3.33 0.07 16.26
C LEU G 5 1.94 -0.04 15.63
N LEU G 6 1.01 -0.76 16.25
CA LEU G 6 -0.36 -0.91 15.68
C LEU G 6 -1.30 0.17 16.24
N GLN G 7 -0.79 1.11 17.04
CA GLN G 7 -1.62 2.16 17.68
C GLN G 7 -2.32 2.97 16.56
N GLY H 1 -2.07 4.12 -24.84
CA GLY H 1 -1.69 4.99 -23.69
C GLY H 1 -1.87 4.29 -22.34
N LEU H 2 -1.05 4.66 -21.35
CA LEU H 2 -1.12 4.05 -20.00
C LEU H 2 -2.25 4.64 -19.13
N SER H 3 -3.02 5.64 -19.59
CA SER H 3 -4.29 6.10 -18.96
C SER H 3 -5.19 4.91 -18.56
N MET H 4 -5.16 3.81 -19.31
CA MET H 4 -6.03 2.64 -19.08
C MET H 4 -5.68 1.96 -17.75
N LEU H 5 -4.44 2.14 -17.24
CA LEU H 5 -4.01 1.59 -15.92
C LEU H 5 -4.82 2.27 -14.79
N LEU H 6 -5.34 3.48 -15.02
CA LEU H 6 -6.12 4.24 -14.01
C LEU H 6 -7.60 3.85 -14.07
N GLN H 7 -8.00 2.93 -14.94
CA GLN H 7 -9.40 2.41 -14.98
C GLN H 7 -9.82 1.95 -13.57
#